data_8YL9
#
_entry.id   8YL9
#
_cell.length_a   146.990
_cell.length_b   146.990
_cell.length_c   146.990
_cell.angle_alpha   90.00
_cell.angle_beta   90.00
_cell.angle_gamma   90.00
#
_symmetry.space_group_name_H-M   'P 21 3'
#
loop_
_entity.id
_entity.type
_entity.pdbx_description
1 polymer 'Sesterbrasiliatriene synthase PbSS'
2 non-polymer 'MAGNESIUM ION'
3 non-polymer PYROPHOSPHATE
4 non-polymer N-benzyl-N,N-diethylethanaminium
5 water water
#
_entity_poly.entity_id   1
_entity_poly.type   'polypeptide(L)'
_entity_poly.pdbx_seq_one_letter_code
;MDFLSGAFHYSDSVNPSKYSPRPSDYFGTLPFRTSRFEREAADVTADYLRKWQKAVKADNPERKDLVFHGSTTTLGHFVS
WAYPECIPDRVDLCTQICDFGFYWDDVTDSVNVQENAEITQDLALALLSELTLGQRLEPKLEINKIVVQMLWGVLDKDRK
SGLEMIKFWKGHLDGQAESAHNNMSFEEYTKHRLSEVGARWAVEVGCWSLGINLSREKKDSVAHFVNKGLLAAALMNDYY
SFNKEFDEHQRAGSMDRLQNGLGILMREYGYTETEARSILREEIRKGERAIMDGYIAWRESADSSSESHELNRYIVMIIL
MIGGITFWSSHASRYHRDDLITTAGDRAMIVG
;
_entity_poly.pdbx_strand_id   A,B,I
#
loop_
_chem_comp.id
_chem_comp.type
_chem_comp.name
_chem_comp.formula
BTM non-polymer N-benzyl-N,N-diethylethanaminium 'C13 H22 N 1'
MG non-polymer 'MAGNESIUM ION' 'Mg 2'
PPV non-polymer PYROPHOSPHATE 'H4 O7 P2'
#
# COMPACT_ATOMS: atom_id res chain seq x y z
N ASP A 2 3.75 2.71 -26.59
CA ASP A 2 5.10 2.16 -26.42
C ASP A 2 6.16 3.15 -26.82
N PHE A 3 6.38 3.23 -28.11
CA PHE A 3 7.37 4.08 -28.73
C PHE A 3 7.31 5.57 -28.55
N LEU A 4 8.40 6.13 -28.06
CA LEU A 4 8.51 7.54 -27.93
C LEU A 4 9.38 7.91 -29.08
N SER A 5 8.97 8.87 -29.86
CA SER A 5 9.75 9.25 -30.97
C SER A 5 10.59 10.46 -30.66
N GLY A 6 11.74 10.52 -31.29
CA GLY A 6 12.66 11.62 -31.10
C GLY A 6 13.99 11.17 -30.55
N ALA A 7 15.02 11.99 -30.69
CA ALA A 7 16.35 11.65 -30.23
C ALA A 7 16.58 12.16 -28.82
N PHE A 8 17.35 11.42 -28.03
CA PHE A 8 17.74 11.89 -26.71
C PHE A 8 19.23 12.21 -26.66
N HIS A 9 19.56 13.32 -26.02
CA HIS A 9 20.92 13.81 -25.99
C HIS A 9 21.57 13.80 -24.62
N TYR A 10 20.78 13.94 -23.56
CA TYR A 10 21.32 14.12 -22.22
C TYR A 10 20.89 13.04 -21.24
N SER A 11 20.31 11.93 -21.70
CA SER A 11 19.71 11.02 -20.74
C SER A 11 19.70 9.58 -21.27
N ASP A 12 19.64 8.62 -20.34
CA ASP A 12 19.62 7.20 -20.67
C ASP A 12 18.38 6.50 -20.10
N SER A 13 17.92 5.48 -20.80
CA SER A 13 16.76 4.72 -20.37
C SER A 13 17.13 3.78 -19.23
N VAL A 14 16.18 3.58 -18.32
CA VAL A 14 16.47 2.85 -17.11
C VAL A 14 15.24 2.06 -16.72
N ASN A 15 15.47 0.96 -16.10
CA ASN A 15 14.49 -0.02 -15.75
C ASN A 15 14.16 0.08 -14.28
N PRO A 16 12.92 0.07 -13.91
CA PRO A 16 12.61 -0.05 -12.48
C PRO A 16 13.34 -1.22 -11.84
N SER A 17 13.90 -2.09 -12.68
CA SER A 17 14.51 -3.34 -12.24
C SER A 17 15.98 -3.19 -11.89
N LYS A 18 16.77 -2.54 -12.76
CA LYS A 18 18.22 -2.46 -12.56
C LYS A 18 18.54 -1.62 -11.33
N TYR A 19 17.52 -1.14 -10.63
CA TYR A 19 17.75 -0.25 -9.50
C TYR A 19 17.91 -1.06 -8.23
N SER A 20 18.82 -0.61 -7.38
CA SER A 20 19.11 -1.34 -6.14
C SER A 20 19.57 -0.37 -5.05
N PRO A 21 18.89 -0.31 -3.90
CA PRO A 21 17.69 -1.06 -3.50
C PRO A 21 16.41 -0.76 -4.29
N ARG A 22 15.71 -1.84 -4.67
CA ARG A 22 14.52 -1.73 -5.48
C ARG A 22 13.37 -1.16 -4.65
N PRO A 23 12.56 -0.27 -5.21
CA PRO A 23 11.46 0.29 -4.45
C PRO A 23 10.43 -0.78 -4.15
N SER A 24 9.77 -0.64 -2.99
CA SER A 24 8.72 -1.57 -2.59
C SER A 24 7.60 -1.63 -3.62
N ASP A 25 7.04 -0.47 -3.98
CA ASP A 25 5.70 -0.42 -4.59
C ASP A 25 5.65 0.53 -5.79
N TYR A 26 6.28 0.15 -6.90
CA TYR A 26 6.19 0.91 -8.14
C TYR A 26 5.29 0.17 -9.12
N PHE A 27 4.35 0.88 -9.73
CA PHE A 27 3.45 0.25 -10.68
C PHE A 27 3.24 1.11 -11.93
N GLY A 28 4.10 2.12 -12.16
CA GLY A 28 3.92 2.99 -13.30
C GLY A 28 3.91 2.20 -14.59
N THR A 29 3.11 2.66 -15.54
CA THR A 29 3.10 2.08 -16.86
C THR A 29 3.78 2.96 -17.89
N LEU A 30 4.33 4.21 -17.45
CA LEU A 30 4.96 5.05 -18.47
C LEU A 30 6.48 4.95 -18.42
N PRO A 31 7.15 5.06 -19.55
CA PRO A 31 8.61 5.04 -19.53
C PRO A 31 9.20 6.22 -18.75
N PHE A 32 10.42 6.02 -18.25
CA PHE A 32 11.18 7.16 -17.74
C PHE A 32 12.67 7.01 -18.08
N ARG A 33 13.34 8.15 -18.19
CA ARG A 33 14.77 8.16 -18.41
C ARG A 33 15.46 8.77 -17.19
N THR A 34 16.79 8.77 -17.22
CA THR A 34 17.61 9.33 -16.15
C THR A 34 18.67 10.24 -16.76
N SER A 35 18.63 11.52 -16.43
CA SER A 35 19.70 12.41 -16.87
C SER A 35 21.06 11.80 -16.54
N ARG A 36 22.05 12.13 -17.35
CA ARG A 36 23.43 11.73 -17.09
C ARG A 36 24.10 12.63 -16.06
N PHE A 37 23.41 13.67 -15.61
CA PHE A 37 23.96 14.66 -14.69
C PHE A 37 23.26 14.62 -13.34
N GLU A 38 22.81 13.44 -12.95
CA GLU A 38 22.25 13.23 -11.62
C GLU A 38 23.13 13.80 -10.53
N ARG A 39 24.43 13.56 -10.60
CA ARG A 39 25.46 14.02 -9.68
C ARG A 39 25.43 15.48 -9.44
N GLU A 40 25.46 16.24 -10.51
CA GLU A 40 25.36 17.70 -10.45
C GLU A 40 24.13 18.15 -9.65
N ALA A 41 22.96 17.63 -10.01
CA ALA A 41 21.73 18.01 -9.32
C ALA A 41 21.81 17.71 -7.82
N ALA A 42 22.22 16.49 -7.47
CA ALA A 42 22.34 16.14 -6.06
C ALA A 42 23.23 17.12 -5.30
N ASP A 43 24.35 17.53 -5.91
CA ASP A 43 25.19 18.53 -5.29
C ASP A 43 24.44 19.83 -5.09
N VAL A 44 23.68 20.27 -6.08
CA VAL A 44 22.93 21.51 -5.92
C VAL A 44 21.91 21.36 -4.80
N THR A 45 21.24 20.20 -4.74
CA THR A 45 20.23 20.01 -3.72
C THR A 45 20.82 20.18 -2.33
N ALA A 46 22.01 19.63 -2.10
CA ALA A 46 22.62 19.77 -0.78
C ALA A 46 22.97 21.22 -0.48
N ASP A 47 23.42 21.99 -1.48
CA ASP A 47 23.70 23.38 -1.22
C ASP A 47 22.43 24.17 -1.01
N TYR A 48 21.40 23.90 -1.81
CA TYR A 48 20.17 24.64 -1.68
C TYR A 48 19.46 24.31 -0.37
N LEU A 49 19.65 23.09 0.12
CA LEU A 49 19.11 22.75 1.42
C LEU A 49 19.58 23.76 2.45
N ARG A 50 20.84 23.99 2.52
CA ARG A 50 21.35 24.91 3.48
C ARG A 50 20.82 26.30 3.37
N LYS A 51 20.63 26.79 2.16
CA LYS A 51 20.12 28.09 1.93
C LYS A 51 18.69 28.17 2.40
N TRP A 52 17.90 27.15 2.13
CA TRP A 52 16.54 27.13 2.55
C TRP A 52 16.45 27.09 4.05
N GLN A 53 17.29 26.33 4.71
CA GLN A 53 17.26 26.26 6.14
C GLN A 53 17.55 27.58 6.77
N LYS A 54 18.51 28.29 6.23
CA LYS A 54 18.81 29.58 6.69
C LYS A 54 17.61 30.46 6.60
N ALA A 55 16.97 30.50 5.46
CA ALA A 55 15.80 31.29 5.26
C ALA A 55 14.61 30.94 6.11
N VAL A 56 14.46 29.67 6.44
CA VAL A 56 13.35 29.17 7.21
C VAL A 56 13.57 29.37 8.70
N LYS A 57 14.82 29.47 9.14
CA LYS A 57 15.09 29.75 10.54
C LYS A 57 15.00 31.24 10.66
N ALA A 58 15.48 31.93 9.66
CA ALA A 58 15.27 33.36 9.69
C ALA A 58 13.80 33.69 9.83
N ASP A 59 12.94 32.98 9.12
CA ASP A 59 11.52 33.32 9.06
C ASP A 59 10.71 32.73 10.19
N ASN A 60 11.27 31.85 11.04
CA ASN A 60 10.59 31.35 12.23
C ASN A 60 11.59 30.86 13.26
N PRO A 61 12.22 31.73 14.05
CA PRO A 61 13.31 31.31 14.93
C PRO A 61 12.87 30.59 16.20
N GLU A 62 11.61 30.15 16.30
CA GLU A 62 11.12 29.46 17.49
C GLU A 62 10.55 28.07 17.17
N ARG A 63 11.15 27.38 16.18
CA ARG A 63 10.71 26.05 15.77
C ARG A 63 11.90 25.29 15.19
N LEU A 66 12.82 21.88 12.04
CA LEU A 66 12.32 20.79 11.18
C LEU A 66 13.12 20.44 9.92
N VAL A 67 12.65 19.34 9.29
CA VAL A 67 13.27 18.62 8.20
C VAL A 67 12.55 18.92 6.90
N PHE A 68 13.31 18.89 5.81
CA PHE A 68 12.77 19.05 4.47
C PHE A 68 13.26 17.93 3.57
N HIS A 69 12.35 17.35 2.83
CA HIS A 69 12.64 16.21 1.97
C HIS A 69 12.45 16.61 0.52
N GLY A 70 13.56 16.90 -0.15
CA GLY A 70 13.60 17.38 -1.53
C GLY A 70 13.92 16.30 -2.53
N SER A 71 14.62 16.69 -3.61
CA SER A 71 14.69 15.89 -4.82
C SER A 71 15.58 14.65 -4.70
N THR A 72 16.58 14.67 -3.81
CA THR A 72 17.52 13.56 -3.75
C THR A 72 16.92 12.32 -3.08
N THR A 73 17.19 11.16 -3.64
CA THR A 73 16.80 9.88 -3.05
C THR A 73 18.01 8.96 -3.14
N THR A 74 17.93 7.81 -2.50
CA THR A 74 19.09 6.95 -2.52
C THR A 74 19.41 6.43 -3.93
N LEU A 75 18.43 6.45 -4.83
CA LEU A 75 18.57 5.83 -6.14
C LEU A 75 18.77 6.83 -7.28
N GLY A 76 18.44 8.10 -7.08
CA GLY A 76 18.55 9.09 -8.12
C GLY A 76 18.07 10.43 -7.60
N HIS A 77 17.59 11.27 -8.51
CA HIS A 77 17.29 12.65 -8.19
C HIS A 77 16.05 13.06 -8.96
N PHE A 78 15.17 13.81 -8.31
CA PHE A 78 13.93 14.26 -8.94
C PHE A 78 14.19 14.83 -10.32
N VAL A 79 15.06 15.84 -10.39
CA VAL A 79 15.28 16.53 -11.66
C VAL A 79 15.69 15.55 -12.74
N SER A 80 16.63 14.66 -12.38
CA SER A 80 17.24 13.73 -13.33
C SER A 80 16.21 12.81 -13.97
N TRP A 81 15.22 12.39 -13.21
CA TRP A 81 14.10 11.58 -13.67
C TRP A 81 12.98 12.44 -14.24
N ALA A 82 12.57 13.47 -13.50
CA ALA A 82 11.44 14.29 -13.93
C ALA A 82 11.74 15.01 -15.24
N TYR A 83 13.01 15.32 -15.49
CA TYR A 83 13.41 16.16 -16.62
C TYR A 83 14.67 15.61 -17.27
N PRO A 84 14.64 14.34 -17.69
CA PRO A 84 15.88 13.74 -18.20
C PRO A 84 16.60 14.59 -19.23
N GLU A 85 15.87 15.25 -20.11
CA GLU A 85 16.49 15.95 -21.23
C GLU A 85 16.80 17.41 -20.91
N CYS A 86 16.80 17.77 -19.63
CA CYS A 86 17.17 19.12 -19.21
C CYS A 86 18.57 19.43 -19.72
N ILE A 87 18.69 20.58 -20.38
CA ILE A 87 19.98 21.03 -20.91
C ILE A 87 20.99 21.15 -19.78
N PRO A 88 22.16 20.48 -19.88
CA PRO A 88 23.08 20.37 -18.75
C PRO A 88 23.43 21.57 -17.96
N ASP A 89 23.34 22.76 -18.50
CA ASP A 89 23.69 23.92 -17.74
C ASP A 89 22.51 24.59 -17.11
N ARG A 90 21.38 23.97 -17.23
CA ARG A 90 20.18 24.43 -16.65
C ARG A 90 19.78 23.53 -15.51
N VAL A 91 20.52 22.49 -15.22
CA VAL A 91 20.18 21.56 -14.15
C VAL A 91 20.25 22.26 -12.79
N ASP A 92 21.34 22.97 -12.53
CA ASP A 92 21.45 23.84 -11.37
C ASP A 92 20.12 24.54 -11.06
N LEU A 93 19.60 25.32 -12.02
CA LEU A 93 18.46 26.19 -11.72
C LEU A 93 17.16 25.40 -11.69
N CYS A 94 17.05 24.38 -12.53
CA CYS A 94 15.90 23.49 -12.43
C CYS A 94 15.87 22.82 -11.07
N THR A 95 17.02 22.37 -10.57
CA THR A 95 17.04 21.71 -9.27
C THR A 95 16.63 22.68 -8.16
N GLN A 96 17.06 23.93 -8.29
CA GLN A 96 16.61 24.94 -7.36
C GLN A 96 15.10 25.09 -7.42
N ILE A 97 14.56 25.30 -8.63
CA ILE A 97 13.12 25.50 -8.79
C ILE A 97 12.33 24.39 -8.08
N CYS A 98 12.65 23.13 -8.40
CA CYS A 98 11.92 22.00 -7.84
C CYS A 98 12.07 21.93 -6.33
N ASP A 99 13.30 22.08 -5.85
CA ASP A 99 13.52 22.00 -4.41
C ASP A 99 12.78 23.14 -3.70
N PHE A 100 12.87 24.36 -4.24
CA PHE A 100 12.08 25.48 -3.69
C PHE A 100 10.58 25.17 -3.74
N GLY A 101 10.12 24.55 -4.81
CA GLY A 101 8.74 24.10 -4.84
C GLY A 101 8.45 23.07 -3.76
N PHE A 102 9.31 22.05 -3.65
CA PHE A 102 9.10 21.04 -2.63
C PHE A 102 9.02 21.67 -1.24
N TYR A 103 9.98 22.54 -0.91
CA TYR A 103 9.97 23.11 0.42
C TYR A 103 8.81 24.09 0.60
N TRP A 104 8.62 25.01 -0.33
CA TRP A 104 7.56 26.01 -0.17
C TRP A 104 6.21 25.35 0.09
N ASP A 105 5.90 24.31 -0.69
CA ASP A 105 4.70 23.53 -0.44
C ASP A 105 4.62 23.08 1.01
N ASP A 106 5.74 22.61 1.57
CA ASP A 106 5.72 22.16 2.95
C ASP A 106 5.28 23.27 3.90
N VAL A 107 5.77 24.50 3.71
CA VAL A 107 5.44 25.55 4.68
C VAL A 107 4.15 26.26 4.30
N THR A 108 3.40 25.77 3.33
CA THR A 108 2.18 26.44 2.96
C THR A 108 1.01 25.53 2.95
N ASP A 109 1.21 24.25 2.80
CA ASP A 109 0.06 23.35 2.73
C ASP A 109 -0.25 22.64 4.02
N SER A 110 0.49 23.01 5.03
CA SER A 110 0.27 22.50 6.37
C SER A 110 -0.17 23.54 7.41
N VAL A 111 -0.06 24.81 7.08
CA VAL A 111 -0.52 25.89 7.95
C VAL A 111 -1.96 26.29 7.67
N ASN A 112 -2.44 27.32 8.34
CA ASN A 112 -3.84 27.69 8.18
C ASN A 112 -4.01 28.62 6.99
N VAL A 113 -5.26 28.72 6.53
CA VAL A 113 -5.56 29.59 5.39
C VAL A 113 -4.97 30.98 5.62
N GLN A 114 -5.07 31.49 6.84
CA GLN A 114 -4.52 32.81 7.15
C GLN A 114 -3.03 32.86 6.82
N GLU A 115 -2.26 31.95 7.42
CA GLU A 115 -0.82 31.90 7.15
C GLU A 115 -0.56 31.63 5.66
N ASN A 116 -1.17 30.58 5.11
CA ASN A 116 -1.00 30.27 3.69
C ASN A 116 -1.15 31.51 2.83
N ALA A 117 -2.23 32.26 3.02
CA ALA A 117 -2.48 33.43 2.19
C ALA A 117 -1.31 34.41 2.23
N GLU A 118 -0.84 34.74 3.45
CA GLU A 118 0.23 35.72 3.57
C GLU A 118 1.46 35.31 2.77
N ILE A 119 1.89 34.06 2.94
CA ILE A 119 3.07 33.56 2.22
C ILE A 119 2.81 33.53 0.71
N THR A 120 1.66 33.02 0.30
CA THR A 120 1.28 33.12 -1.11
C THR A 120 1.42 34.56 -1.59
N GLN A 121 0.67 35.48 -0.96
CA GLN A 121 0.77 36.90 -1.28
C GLN A 121 2.22 37.36 -1.47
N ASP A 122 3.08 37.09 -0.48
CA ASP A 122 4.42 37.66 -0.53
C ASP A 122 5.24 37.07 -1.68
N LEU A 123 5.07 35.78 -2.00
CA LEU A 123 5.80 35.23 -3.14
C LEU A 123 5.29 35.82 -4.45
N ALA A 124 3.98 36.04 -4.55
CA ALA A 124 3.46 36.61 -5.79
C ALA A 124 4.08 37.97 -6.09
N LEU A 125 4.44 38.72 -5.04
CA LEU A 125 5.12 40.00 -5.26
C LEU A 125 6.40 39.83 -6.06
N ALA A 126 7.06 38.68 -5.93
CA ALA A 126 8.32 38.44 -6.62
C ALA A 126 8.06 38.07 -8.08
N LEU A 127 6.98 37.35 -8.33
CA LEU A 127 6.65 36.91 -9.68
C LEU A 127 6.15 38.08 -10.51
N LEU A 128 5.16 38.81 -10.00
CA LEU A 128 4.68 39.99 -10.72
C LEU A 128 5.82 40.93 -11.07
N SER A 129 6.82 41.01 -10.19
CA SER A 129 7.88 42.00 -10.41
C SER A 129 8.54 41.79 -11.76
N GLU A 130 8.84 40.53 -12.11
CA GLU A 130 9.51 40.21 -13.36
C GLU A 130 8.53 40.09 -14.54
N LEU A 131 7.23 40.20 -14.27
CA LEU A 131 6.21 40.12 -15.31
C LEU A 131 5.68 41.49 -15.72
N THR A 132 6.44 42.55 -15.48
CA THR A 132 6.04 43.91 -15.88
C THR A 132 7.26 44.84 -16.01
N GLY A 134 7.70 47.89 -15.15
CA GLY A 134 7.09 48.38 -13.91
C GLY A 134 8.08 48.31 -12.79
N GLN A 135 7.75 48.90 -11.63
CA GLN A 135 8.68 48.89 -10.51
C GLN A 135 8.67 47.59 -9.73
N ARG A 136 9.84 47.08 -9.38
CA ARG A 136 9.97 45.87 -8.59
C ARG A 136 9.45 46.12 -7.20
N LEU A 137 8.49 45.29 -6.76
CA LEU A 137 7.89 45.35 -5.42
C LEU A 137 8.42 44.16 -4.61
N GLU A 138 9.61 44.26 -4.07
CA GLU A 138 10.27 43.15 -3.38
C GLU A 138 9.65 42.42 -2.18
N PRO A 139 9.79 41.09 -2.13
CA PRO A 139 9.28 40.20 -1.09
C PRO A 139 9.89 40.45 0.28
N LYS A 140 9.10 40.30 1.33
CA LYS A 140 9.55 40.59 2.69
C LYS A 140 9.95 39.43 3.55
N LEU A 141 9.53 38.27 3.16
CA LEU A 141 9.86 37.00 3.83
C LEU A 141 11.14 36.41 3.26
N GLU A 142 12.00 35.93 4.14
CA GLU A 142 13.28 35.35 3.74
C GLU A 142 13.07 34.12 2.85
N ILE A 143 11.95 33.41 3.03
CA ILE A 143 11.76 32.22 2.21
C ILE A 143 11.34 32.58 0.80
N ASN A 144 10.66 33.68 0.63
CA ASN A 144 10.24 34.10 -0.69
C ASN A 144 11.27 34.93 -1.31
N LYS A 145 12.05 35.59 -0.49
CA LYS A 145 13.15 36.45 -0.92
C LYS A 145 14.22 35.80 -1.79
N ILE A 146 14.41 34.52 -1.62
CA ILE A 146 15.30 33.68 -2.33
C ILE A 146 14.90 33.39 -3.76
N VAL A 147 13.65 33.49 -4.18
CA VAL A 147 13.38 33.23 -5.59
C VAL A 147 13.84 34.34 -6.51
N VAL A 148 14.31 35.46 -5.96
CA VAL A 148 14.65 36.59 -6.81
C VAL A 148 15.92 36.31 -7.60
N GLN A 149 17.03 36.03 -6.90
CA GLN A 149 18.23 35.58 -7.56
C GLN A 149 17.93 34.45 -8.53
N MET A 150 17.05 33.53 -8.12
CA MET A 150 16.65 32.41 -8.96
C MET A 150 16.08 32.87 -10.29
N LEU A 151 15.18 33.85 -10.24
CA LEU A 151 14.43 34.26 -11.42
C LEU A 151 15.33 34.95 -12.43
N TRP A 152 16.11 35.93 -11.98
CA TRP A 152 17.12 36.48 -12.87
C TRP A 152 17.92 35.35 -13.51
N GLY A 153 18.34 34.37 -12.72
CA GLY A 153 19.02 33.20 -13.26
C GLY A 153 18.23 32.53 -14.38
N VAL A 154 16.94 32.29 -14.17
CA VAL A 154 16.15 31.62 -15.20
C VAL A 154 16.08 32.45 -16.46
N LEU A 155 15.77 33.75 -16.33
CA LEU A 155 15.54 34.58 -17.52
C LEU A 155 16.84 34.84 -18.28
N ASP A 156 17.96 34.97 -17.56
CA ASP A 156 19.26 35.03 -18.21
C ASP A 156 19.43 33.85 -19.17
N LYS A 157 19.12 32.63 -18.72
CA LYS A 157 19.23 31.47 -19.59
C LYS A 157 18.27 31.59 -20.79
N ASP A 158 17.01 31.96 -20.56
CA ASP A 158 16.02 31.93 -21.63
C ASP A 158 14.83 32.79 -21.21
N ARG A 159 14.76 34.01 -21.75
CA ARG A 159 13.77 34.97 -21.26
C ARG A 159 12.37 34.60 -21.72
N LYS A 160 12.21 34.23 -22.99
CA LYS A 160 10.88 33.96 -23.49
C LYS A 160 10.25 32.81 -22.73
N SER A 161 11.03 31.73 -22.58
CA SER A 161 10.62 30.51 -21.90
C SER A 161 10.53 30.69 -20.39
N GLY A 162 11.44 31.48 -19.80
CA GLY A 162 11.37 31.73 -18.37
C GLY A 162 10.19 32.60 -17.96
N LEU A 163 9.81 33.55 -18.81
CA LEU A 163 8.63 34.36 -18.51
C LEU A 163 7.37 33.50 -18.51
N GLU A 164 7.23 32.65 -19.52
CA GLU A 164 6.06 31.79 -19.58
C GLU A 164 6.01 30.86 -18.38
N MET A 165 7.14 30.23 -18.07
CA MET A 165 7.25 29.51 -16.81
C MET A 165 6.80 30.38 -15.65
N ILE A 166 7.25 31.62 -15.62
CA ILE A 166 6.89 32.49 -14.50
C ILE A 166 5.38 32.76 -14.50
N LYS A 167 4.78 32.95 -15.68
CA LYS A 167 3.33 33.12 -15.74
C LYS A 167 2.61 31.97 -15.08
N PHE A 168 3.02 30.74 -15.40
CA PHE A 168 2.29 29.59 -14.88
C PHE A 168 2.60 29.33 -13.40
N TRP A 169 3.80 29.66 -12.92
CA TRP A 169 4.02 29.64 -11.49
C TRP A 169 2.97 30.50 -10.79
N LYS A 170 2.91 31.79 -11.13
CA LYS A 170 1.88 32.66 -10.57
C LYS A 170 0.52 31.99 -10.61
N GLY A 171 0.14 31.49 -11.79
CA GLY A 171 -1.07 30.69 -11.89
C GLY A 171 -1.16 29.61 -10.84
N HIS A 172 -0.02 28.98 -10.49
CA HIS A 172 -0.08 27.97 -9.44
C HIS A 172 -0.35 28.59 -8.08
N LEU A 173 0.28 29.72 -7.78
CA LEU A 173 -0.08 30.44 -6.56
C LEU A 173 -1.59 30.63 -6.47
N ASP A 174 -2.22 31.10 -7.54
CA ASP A 174 -3.68 31.18 -7.51
C ASP A 174 -4.29 29.83 -7.18
N GLY A 175 -3.76 28.77 -7.78
CA GLY A 175 -4.27 27.43 -7.55
C GLY A 175 -4.47 27.07 -6.09
N GLN A 176 -3.37 26.90 -5.36
CA GLN A 176 -3.43 26.27 -4.03
C GLN A 176 -4.06 27.17 -2.96
N ALA A 177 -4.80 28.20 -3.39
CA ALA A 177 -5.47 29.12 -2.47
C ALA A 177 -6.95 28.78 -2.21
N GLU A 178 -7.44 27.61 -2.65
CA GLU A 178 -8.81 27.15 -2.41
C GLU A 178 -8.79 25.87 -1.56
N HIS A 181 -13.16 23.04 0.76
CA HIS A 181 -14.01 21.91 0.73
C HIS A 181 -13.15 20.71 1.06
N ASN A 182 -13.83 19.76 1.68
CA ASN A 182 -13.37 18.50 2.17
C ASN A 182 -14.12 17.32 1.66
N ASN A 183 -15.40 17.26 1.96
CA ASN A 183 -16.29 16.25 1.40
C ASN A 183 -16.78 16.47 0.00
N MET A 184 -16.00 17.13 -0.84
CA MET A 184 -16.44 17.21 -2.22
C MET A 184 -16.46 15.80 -2.84
N SER A 185 -17.07 15.72 -4.02
CA SER A 185 -17.16 14.48 -4.78
C SER A 185 -15.86 14.24 -5.54
N PHE A 186 -15.45 12.98 -5.61
CA PHE A 186 -14.23 12.64 -6.33
C PHE A 186 -14.20 13.32 -7.69
N GLU A 187 -15.34 13.41 -8.35
CA GLU A 187 -15.40 14.18 -9.59
C GLU A 187 -15.04 15.64 -9.35
N GLU A 188 -15.61 16.24 -8.31
CA GLU A 188 -15.24 17.64 -8.03
C GLU A 188 -13.81 17.75 -7.52
N TYR A 189 -13.32 16.72 -6.82
CA TYR A 189 -11.96 16.76 -6.30
C TYR A 189 -10.92 16.72 -7.40
N THR A 190 -11.17 15.96 -8.47
CA THR A 190 -10.14 15.91 -9.50
C THR A 190 -10.05 17.23 -10.24
N LYS A 191 -11.17 17.94 -10.41
CA LYS A 191 -11.10 19.26 -11.00
C LYS A 191 -10.20 20.16 -10.17
N HIS A 192 -10.44 20.24 -8.86
CA HIS A 192 -9.68 21.14 -8.02
C HIS A 192 -8.21 20.73 -7.96
N ARG A 193 -7.95 19.44 -7.70
CA ARG A 193 -6.58 18.96 -7.48
C ARG A 193 -5.70 19.19 -8.70
N LEU A 194 -6.23 18.98 -9.90
CA LEU A 194 -5.39 19.25 -11.05
C LEU A 194 -4.94 20.71 -11.05
N SER A 195 -5.79 21.62 -10.61
CA SER A 195 -5.46 23.03 -10.62
C SER A 195 -4.58 23.45 -9.46
N GLU A 196 -4.52 22.66 -8.40
CA GLU A 196 -3.74 23.02 -7.23
C GLU A 196 -2.45 22.23 -7.09
N VAL A 197 -2.27 21.18 -7.89
CA VAL A 197 -1.09 20.33 -7.76
C VAL A 197 0.13 20.88 -8.46
N GLY A 198 -0.03 21.95 -9.25
CA GLY A 198 1.09 22.52 -9.98
C GLY A 198 1.60 21.69 -11.16
N ALA A 199 0.73 20.94 -11.84
CA ALA A 199 1.18 20.18 -13.00
C ALA A 199 1.48 21.09 -14.19
N ARG A 200 0.59 22.09 -14.43
CA ARG A 200 0.80 23.04 -15.51
C ARG A 200 2.11 23.82 -15.34
N TRP A 201 2.40 24.26 -14.11
CA TRP A 201 3.69 24.87 -13.79
C TRP A 201 4.81 23.89 -14.05
N ALA A 202 4.66 22.65 -13.55
CA ALA A 202 5.68 21.64 -13.78
C ALA A 202 6.00 21.50 -15.26
N VAL A 203 4.97 21.50 -16.11
CA VAL A 203 5.21 21.37 -17.54
C VAL A 203 6.04 22.53 -18.06
N GLU A 204 5.79 23.73 -17.55
CA GLU A 204 6.47 24.88 -18.12
C GLU A 204 7.88 25.00 -17.59
N VAL A 205 8.14 24.42 -16.42
CA VAL A 205 9.51 24.28 -15.96
C VAL A 205 10.29 23.36 -16.88
N GLY A 206 9.67 22.24 -17.25
CA GLY A 206 10.24 21.38 -18.27
C GLY A 206 10.46 22.12 -19.58
N CYS A 207 9.47 22.89 -20.02
CA CYS A 207 9.64 23.65 -21.25
C CYS A 207 10.87 24.56 -21.16
N TRP A 208 11.01 25.27 -20.05
CA TRP A 208 12.21 26.07 -19.85
C TRP A 208 13.44 25.16 -19.84
N SER A 209 13.38 24.09 -19.09
CA SER A 209 14.51 23.19 -18.98
C SER A 209 15.10 22.64 -20.26
N LEU A 210 14.25 22.14 -21.11
CA LEU A 210 14.65 21.55 -22.34
C LEU A 210 14.74 22.53 -23.43
N GLY A 211 14.30 23.73 -23.21
CA GLY A 211 14.32 24.72 -24.24
C GLY A 211 13.33 24.38 -25.28
N ILE A 212 12.06 24.43 -24.96
CA ILE A 212 11.00 24.13 -25.89
C ILE A 212 10.30 25.41 -26.28
N ASN A 213 10.27 25.68 -27.57
CA ASN A 213 9.68 26.86 -28.16
C ASN A 213 8.47 26.44 -28.94
N LEU A 214 7.34 26.68 -28.35
CA LEU A 214 6.09 26.15 -28.87
C LEU A 214 4.96 27.11 -28.52
N SER A 215 4.23 27.55 -29.55
CA SER A 215 3.18 28.54 -29.33
C SER A 215 2.20 28.04 -28.28
N ARG A 216 1.65 28.96 -27.50
CA ARG A 216 0.62 28.59 -26.54
C ARG A 216 -0.53 27.84 -27.20
N GLU A 217 -0.96 28.32 -28.38
CA GLU A 217 -2.09 27.68 -29.06
C GLU A 217 -1.73 26.26 -29.47
N LYS A 218 -0.46 26.02 -29.85
CA LYS A 218 -0.01 24.68 -30.15
C LYS A 218 -0.06 23.79 -28.92
N LYS A 219 0.34 24.30 -27.76
CA LYS A 219 0.37 23.48 -26.55
C LYS A 219 -1.04 23.12 -26.09
N ASP A 220 -1.99 24.04 -26.26
CA ASP A 220 -3.35 23.73 -25.88
C ASP A 220 -3.98 22.72 -26.83
N SER A 221 -3.46 22.63 -28.07
CA SER A 221 -4.08 21.72 -29.03
C SER A 221 -4.08 20.29 -28.52
N VAL A 222 -3.03 19.89 -27.80
CA VAL A 222 -2.88 18.52 -27.31
C VAL A 222 -3.24 18.40 -25.84
N ALA A 223 -3.76 19.47 -25.24
CA ALA A 223 -4.15 19.43 -23.84
C ALA A 223 -5.25 18.43 -23.55
N HIS A 224 -6.05 18.08 -24.56
CA HIS A 224 -7.17 17.21 -24.24
C HIS A 224 -6.70 15.83 -23.80
N PHE A 225 -5.50 15.41 -24.22
CA PHE A 225 -4.94 14.16 -23.69
C PHE A 225 -3.73 14.35 -22.77
N VAL A 226 -2.92 15.40 -22.95
CA VAL A 226 -1.85 15.66 -21.97
C VAL A 226 -2.45 15.78 -20.57
N ASN A 227 -3.55 16.51 -20.44
CA ASN A 227 -4.10 16.74 -19.10
C ASN A 227 -4.49 15.44 -18.40
N LYS A 228 -4.82 14.39 -19.13
CA LYS A 228 -5.23 13.19 -18.40
C LYS A 228 -4.05 12.43 -17.81
N GLY A 229 -2.85 12.69 -18.29
CA GLY A 229 -1.68 12.09 -17.68
C GLY A 229 -1.30 12.93 -16.49
N LEU A 230 -1.47 14.26 -16.56
CA LEU A 230 -1.23 15.08 -15.38
C LEU A 230 -2.21 14.72 -14.27
N LEU A 231 -3.49 14.61 -14.61
CA LEU A 231 -4.43 14.12 -13.62
C LEU A 231 -3.93 12.83 -12.98
N ALA A 232 -3.49 11.87 -13.81
CA ALA A 232 -2.93 10.63 -13.27
C ALA A 232 -1.83 10.90 -12.26
N ALA A 233 -0.97 11.90 -12.54
CA ALA A 233 0.20 12.15 -11.72
C ALA A 233 -0.17 12.74 -10.35
N ALA A 234 -1.12 13.68 -10.32
CA ALA A 234 -1.63 14.20 -9.05
C ALA A 234 -2.26 13.12 -8.21
N LEU A 235 -3.02 12.22 -8.82
CA LEU A 235 -3.55 11.08 -8.08
C LEU A 235 -2.42 10.17 -7.61
N MET A 236 -1.45 9.90 -8.49
CA MET A 236 -0.30 9.11 -8.07
C MET A 236 0.41 9.77 -6.90
N ASN A 237 0.53 11.10 -6.95
CA ASN A 237 1.10 11.79 -5.80
C ASN A 237 0.27 11.54 -4.55
N ASP A 238 -1.05 11.74 -4.66
CA ASP A 238 -1.96 11.47 -3.55
C ASP A 238 -1.67 10.12 -2.93
N TYR A 239 -1.50 9.11 -3.78
CA TYR A 239 -1.34 7.74 -3.32
C TYR A 239 -0.07 7.58 -2.49
N TYR A 240 1.00 8.25 -2.86
CA TYR A 240 2.24 8.02 -2.15
C TYR A 240 2.36 8.92 -0.93
N SER A 241 1.76 10.11 -0.99
CA SER A 241 1.91 11.09 0.08
C SER A 241 0.77 11.07 1.09
N PHE A 242 -0.17 10.15 0.96
CA PHE A 242 -1.29 10.16 1.90
C PHE A 242 -0.82 9.87 3.32
N ASN A 243 0.14 8.94 3.48
CA ASN A 243 0.57 8.56 4.82
C ASN A 243 1.24 9.71 5.56
N LYS A 244 2.29 10.27 4.95
CA LYS A 244 2.94 11.41 5.55
C LYS A 244 2.02 12.60 5.67
N GLU A 245 1.03 12.74 4.78
CA GLU A 245 0.18 13.92 4.82
C GLU A 245 -0.82 13.82 5.95
N PHE A 246 -1.45 12.66 6.09
CA PHE A 246 -2.27 12.37 7.25
C PHE A 246 -1.51 12.64 8.53
N ASP A 247 -0.26 12.18 8.59
CA ASP A 247 0.55 12.35 9.79
C ASP A 247 0.78 13.82 10.09
N GLU A 248 1.19 14.59 9.08
CA GLU A 248 1.47 16.00 9.29
C GLU A 248 0.25 16.72 9.84
N HIS A 249 -0.86 16.69 9.10
CA HIS A 249 -2.06 17.37 9.56
C HIS A 249 -2.57 16.80 10.88
N GLN A 250 -2.33 15.52 11.16
CA GLN A 250 -2.75 15.00 12.47
C GLN A 250 -2.14 15.84 13.60
N ARG A 251 -0.84 15.85 13.69
CA ARG A 251 -0.18 16.54 14.78
C ARG A 251 -0.12 18.03 14.64
N ALA A 252 -1.00 18.56 13.83
CA ALA A 252 -1.10 19.96 13.73
C ALA A 252 -2.48 20.37 14.27
N GLY A 253 -3.44 19.44 14.20
CA GLY A 253 -4.80 19.63 14.57
C GLY A 253 -5.60 19.69 13.28
N SER A 254 -5.01 20.25 12.26
CA SER A 254 -5.62 20.44 10.99
C SER A 254 -5.97 19.25 10.13
N MET A 255 -6.76 18.33 10.64
CA MET A 255 -7.10 17.15 9.86
C MET A 255 -8.09 17.48 8.74
N ASP A 256 -9.11 18.28 9.03
CA ASP A 256 -10.00 18.65 7.93
C ASP A 256 -9.31 19.53 6.90
N ARG A 257 -8.10 20.02 7.20
CA ARG A 257 -7.42 20.86 6.24
C ARG A 257 -6.98 20.08 5.01
N LEU A 258 -6.85 18.76 5.13
CA LEU A 258 -6.24 17.92 4.11
C LEU A 258 -7.28 17.46 3.11
N GLN A 259 -6.94 17.57 1.83
CA GLN A 259 -7.74 16.97 0.76
C GLN A 259 -6.81 16.08 -0.04
N ASN A 260 -7.21 14.82 -0.20
CA ASN A 260 -6.38 13.80 -0.84
C ASN A 260 -7.29 12.73 -1.43
N GLY A 261 -6.94 12.25 -2.63
CA GLY A 261 -7.83 11.33 -3.34
C GLY A 261 -8.23 10.12 -2.52
N LEU A 262 -7.36 9.66 -1.63
CA LEU A 262 -7.70 8.51 -0.79
C LEU A 262 -8.63 8.92 0.34
N GLY A 263 -8.37 10.07 0.97
CA GLY A 263 -9.28 10.52 2.01
C GLY A 263 -10.68 10.79 1.48
N ILE A 264 -10.76 11.29 0.28
CA ILE A 264 -12.01 11.55 -0.34
C ILE A 264 -12.70 10.26 -0.73
N LEU A 265 -11.99 9.25 -1.17
CA LEU A 265 -12.63 8.01 -1.51
C LEU A 265 -13.08 7.30 -0.28
N MET A 266 -12.32 7.42 0.78
CA MET A 266 -12.63 6.83 2.04
C MET A 266 -13.71 7.52 2.79
N ARG A 267 -14.07 8.76 2.44
CA ARG A 267 -15.14 9.49 3.08
C ARG A 267 -16.38 9.50 2.28
N GLU A 268 -16.29 9.75 0.98
CA GLU A 268 -17.42 9.77 0.07
C GLU A 268 -18.06 8.45 0.17
N TYR A 269 -17.40 7.43 -0.35
CA TYR A 269 -17.86 6.09 -0.17
C TYR A 269 -17.26 5.63 1.16
N GLY A 270 -17.75 4.59 1.72
CA GLY A 270 -17.19 4.10 2.95
C GLY A 270 -16.08 3.12 2.68
N TYR A 271 -15.26 3.42 1.68
CA TYR A 271 -14.14 2.55 1.31
C TYR A 271 -13.07 2.55 2.40
N THR A 272 -12.52 1.38 2.67
CA THR A 272 -11.32 1.31 3.49
C THR A 272 -10.13 1.86 2.69
N GLU A 273 -9.06 2.19 3.42
CA GLU A 273 -7.87 2.67 2.74
C GLU A 273 -7.46 1.71 1.64
N THR A 274 -7.55 0.40 1.91
CA THR A 274 -7.11 -0.59 0.92
C THR A 274 -8.06 -0.63 -0.27
N GLU A 275 -9.38 -0.55 -0.04
CA GLU A 275 -10.31 -0.44 -1.15
C GLU A 275 -10.07 0.84 -1.95
N ALA A 276 -9.56 1.87 -1.30
CA ALA A 276 -9.35 3.15 -1.98
C ALA A 276 -8.08 3.14 -2.81
N ARG A 277 -7.00 2.55 -2.28
CA ARG A 277 -5.76 2.50 -3.06
C ARG A 277 -5.96 1.73 -4.35
N SER A 278 -6.85 0.74 -4.34
CA SER A 278 -7.12 -0.05 -5.54
C SER A 278 -7.91 0.76 -6.56
N ILE A 279 -8.93 1.51 -6.13
CA ILE A 279 -9.59 2.43 -7.05
C ILE A 279 -8.60 3.44 -7.58
N LEU A 280 -7.85 4.07 -6.68
CA LEU A 280 -6.90 5.09 -7.12
C LEU A 280 -5.94 4.51 -8.14
N ARG A 281 -5.40 3.31 -7.87
CA ARG A 281 -4.48 2.70 -8.81
C ARG A 281 -5.08 2.59 -10.21
N GLU A 282 -6.29 2.04 -10.32
CA GLU A 282 -6.89 1.90 -11.65
C GLU A 282 -7.12 3.27 -12.27
N GLU A 283 -7.39 4.28 -11.47
CA GLU A 283 -7.57 5.61 -12.05
C GLU A 283 -6.24 6.16 -12.53
N ILE A 284 -5.17 5.87 -11.80
CA ILE A 284 -3.83 6.29 -12.21
C ILE A 284 -3.46 5.64 -13.53
N ARG A 285 -3.71 4.32 -13.66
CA ARG A 285 -3.46 3.61 -14.92
C ARG A 285 -4.31 4.18 -16.05
N LYS A 286 -5.61 4.33 -15.82
CA LYS A 286 -6.47 4.95 -16.82
C LYS A 286 -5.85 6.25 -17.34
N GLY A 287 -5.33 7.08 -16.44
CA GLY A 287 -4.67 8.32 -16.86
C GLY A 287 -3.39 8.06 -17.63
N GLU A 288 -2.55 7.16 -17.14
CA GLU A 288 -1.29 6.94 -17.84
C GLU A 288 -1.56 6.39 -19.23
N ARG A 289 -2.49 5.46 -19.33
CA ARG A 289 -2.85 4.91 -20.64
C ARG A 289 -3.35 6.01 -21.55
N ALA A 290 -4.05 6.99 -21.00
CA ALA A 290 -4.75 7.96 -21.84
C ALA A 290 -3.77 8.92 -22.49
N ILE A 291 -2.82 9.45 -21.71
CA ILE A 291 -1.87 10.36 -22.32
C ILE A 291 -1.14 9.62 -23.43
N MET A 292 -0.93 8.32 -23.26
CA MET A 292 -0.17 7.56 -24.24
C MET A 292 -1.01 7.30 -25.48
N ASP A 293 -2.28 6.99 -25.31
CA ASP A 293 -3.13 6.76 -26.48
C ASP A 293 -3.37 8.06 -27.22
N GLY A 294 -3.46 9.17 -26.49
CA GLY A 294 -3.53 10.47 -27.14
C GLY A 294 -2.27 10.80 -27.90
N TYR A 295 -1.11 10.46 -27.33
CA TYR A 295 0.14 10.71 -28.03
C TYR A 295 0.21 9.89 -29.30
N ILE A 296 -0.16 8.62 -29.23
CA ILE A 296 -0.15 7.78 -30.43
C ILE A 296 -1.10 8.33 -31.48
N ALA A 297 -2.33 8.68 -31.08
CA ALA A 297 -3.27 9.26 -32.04
C ALA A 297 -2.65 10.46 -32.73
N TRP A 298 -2.01 11.33 -31.94
CA TRP A 298 -1.46 12.56 -32.48
C TRP A 298 -0.34 12.27 -33.48
N ARG A 299 0.47 11.24 -33.20
CA ARG A 299 1.57 10.93 -34.10
C ARG A 299 1.07 10.35 -35.39
N GLU A 300 0.00 9.56 -35.32
CA GLU A 300 -0.68 9.06 -36.52
C GLU A 300 -1.15 10.19 -37.44
N SER A 301 -1.53 11.36 -36.91
CA SER A 301 -1.94 12.46 -37.76
C SER A 301 -0.82 13.45 -38.11
N ALA A 302 0.20 13.61 -37.27
CA ALA A 302 1.14 14.72 -37.42
C ALA A 302 2.09 14.57 -38.60
N ASP A 303 2.34 15.69 -39.28
CA ASP A 303 3.26 15.78 -40.42
C ASP A 303 4.73 15.81 -39.94
N SER A 304 5.67 16.07 -40.84
CA SER A 304 7.09 15.92 -40.50
C SER A 304 7.84 17.25 -40.43
N SER A 305 7.11 18.35 -40.23
CA SER A 305 7.66 19.69 -40.25
C SER A 305 8.42 19.98 -38.96
N SER A 306 8.71 21.26 -38.71
CA SER A 306 9.30 21.69 -37.45
C SER A 306 8.25 21.88 -36.37
N GLU A 307 7.15 22.58 -36.71
CA GLU A 307 5.96 22.62 -35.89
C GLU A 307 5.81 21.27 -35.18
N SER A 308 5.81 20.18 -35.96
CA SER A 308 5.52 18.86 -35.41
C SER A 308 6.69 18.33 -34.61
N HIS A 309 7.91 18.65 -35.02
CA HIS A 309 9.06 18.22 -34.24
C HIS A 309 8.97 18.78 -32.82
N GLU A 310 8.70 20.08 -32.70
CA GLU A 310 8.66 20.70 -31.38
C GLU A 310 7.52 20.11 -30.54
N LEU A 311 6.31 20.08 -31.07
CA LEU A 311 5.22 19.44 -30.36
C LEU A 311 5.61 18.03 -29.88
N ASN A 312 6.24 17.23 -30.76
CA ASN A 312 6.62 15.89 -30.33
C ASN A 312 7.51 15.93 -29.10
N ARG A 313 8.45 16.88 -29.05
CA ARG A 313 9.33 16.99 -27.89
C ARG A 313 8.53 17.36 -26.65
N TYR A 314 7.64 18.33 -26.79
CA TYR A 314 6.77 18.72 -25.68
C TYR A 314 6.00 17.51 -25.15
N ILE A 315 5.24 16.84 -26.01
CA ILE A 315 4.50 15.66 -25.55
C ILE A 315 5.46 14.62 -24.99
N VAL A 316 6.59 14.39 -25.66
CA VAL A 316 7.42 13.34 -25.12
C VAL A 316 7.99 13.81 -23.79
N MET A 317 8.23 15.09 -23.67
CA MET A 317 8.71 15.62 -22.40
C MET A 317 7.71 15.32 -21.28
N ILE A 318 6.44 15.65 -21.50
CA ILE A 318 5.43 15.41 -20.47
C ILE A 318 5.35 13.93 -20.13
N ILE A 319 5.33 13.06 -21.13
CA ILE A 319 5.21 11.65 -20.80
C ILE A 319 6.37 11.21 -19.94
N LEU A 320 7.59 11.62 -20.30
CA LEU A 320 8.75 11.25 -19.49
C LEU A 320 8.70 11.89 -18.10
N MET A 321 8.21 13.13 -18.00
CA MET A 321 8.07 13.76 -16.70
C MET A 321 7.16 12.93 -15.80
N ILE A 322 6.00 12.52 -16.32
CA ILE A 322 5.12 11.71 -15.50
C ILE A 322 5.80 10.38 -15.21
N GLY A 323 6.56 9.87 -16.19
CA GLY A 323 7.20 8.58 -16.01
C GLY A 323 8.14 8.60 -14.82
N GLY A 324 9.00 9.60 -14.76
CA GLY A 324 10.10 9.66 -13.81
C GLY A 324 9.68 10.06 -12.42
N ILE A 325 8.76 11.03 -12.29
CA ILE A 325 8.23 11.40 -10.98
C ILE A 325 7.53 10.22 -10.33
N THR A 326 6.86 9.38 -11.12
CA THR A 326 6.26 8.21 -10.51
C THR A 326 7.32 7.35 -9.83
N PHE A 327 8.39 7.02 -10.55
CA PHE A 327 9.43 6.21 -9.94
C PHE A 327 10.06 6.95 -8.76
N TRP A 328 10.41 8.21 -8.96
CA TRP A 328 10.89 9.03 -7.85
C TRP A 328 9.94 8.87 -6.68
N SER A 329 8.64 9.07 -6.94
CA SER A 329 7.64 9.09 -5.88
C SER A 329 7.54 7.78 -5.14
N SER A 330 7.96 6.71 -5.72
CA SER A 330 7.84 5.43 -5.11
C SER A 330 8.86 5.11 -4.07
N HIS A 331 9.85 5.95 -3.87
CA HIS A 331 10.85 5.64 -2.91
C HIS A 331 11.47 6.86 -2.22
N ALA A 332 11.06 8.06 -2.57
CA ALA A 332 11.60 9.29 -2.01
C ALA A 332 11.28 9.41 -0.57
N SER A 333 12.17 9.93 0.24
CA SER A 333 11.93 10.03 1.66
C SER A 333 10.88 11.03 1.98
N ARG A 334 10.61 11.92 1.07
CA ARG A 334 9.55 12.89 1.31
C ARG A 334 8.26 12.18 1.67
N TYR A 335 8.02 10.99 1.09
CA TYR A 335 6.78 10.24 1.29
C TYR A 335 6.96 8.99 2.12
N HIS A 336 8.07 8.28 1.98
CA HIS A 336 8.25 7.01 2.68
C HIS A 336 9.14 7.16 3.90
N ARG A 337 9.33 8.39 4.38
CA ARG A 337 10.04 8.62 5.63
C ARG A 337 9.47 7.70 6.71
N ASP A 338 10.34 7.23 7.59
CA ASP A 338 9.94 6.28 8.62
C ASP A 338 9.96 6.96 9.98
N ASP A 339 9.20 8.05 10.12
CA ASP A 339 9.13 8.75 11.40
C ASP A 339 7.73 9.29 11.62
N LEU A 340 6.72 8.50 11.26
CA LEU A 340 5.33 8.88 11.45
C LEU A 340 4.82 8.29 12.76
N ILE A 341 4.10 9.11 13.53
CA ILE A 341 3.51 8.60 14.76
C ILE A 341 2.17 7.91 14.50
N THR A 342 1.62 8.03 13.29
CA THR A 342 0.35 7.39 12.98
C THR A 342 0.58 6.16 12.11
N THR A 343 -0.41 5.26 12.12
CA THR A 343 -0.33 3.98 11.43
C THR A 343 -1.61 3.75 10.62
N ALA A 344 -1.64 2.65 9.86
CA ALA A 344 -2.85 2.27 9.12
C ALA A 344 -4.08 2.25 10.01
N GLY A 345 -3.91 1.86 11.27
CA GLY A 345 -5.05 1.82 12.17
C GLY A 345 -5.63 3.20 12.41
N ASP A 346 -4.78 4.21 12.56
CA ASP A 346 -5.29 5.55 12.77
C ASP A 346 -6.03 6.08 11.54
N ARG A 347 -5.49 5.90 10.34
CA ARG A 347 -6.17 6.41 9.17
C ARG A 347 -7.38 5.63 8.74
N ALA A 348 -7.77 4.66 9.52
CA ALA A 348 -8.95 3.91 9.19
C ALA A 348 -10.19 4.57 9.75
N MET A 349 -9.99 5.53 10.64
CA MET A 349 -11.03 6.25 11.33
C MET A 349 -11.86 7.20 10.52
N ILE A 350 -11.36 7.57 9.36
CA ILE A 350 -12.01 8.48 8.48
C ILE A 350 -12.92 7.78 7.52
N VAL A 351 -12.93 6.45 7.56
CA VAL A 351 -13.80 5.64 6.74
C VAL A 351 -15.16 5.86 7.33
N GLY A 352 -16.09 6.33 6.51
CA GLY A 352 -17.43 6.66 6.96
C GLY A 352 -18.59 6.19 6.10
N ASP B 2 9.55 -8.85 17.32
CA ASP B 2 10.47 -8.85 16.18
C ASP B 2 10.29 -7.57 15.35
N PHE B 3 10.01 -6.46 16.03
CA PHE B 3 9.95 -5.14 15.40
C PHE B 3 10.66 -4.15 16.32
N LEU B 4 11.68 -3.46 15.79
CA LEU B 4 12.47 -2.52 16.57
C LEU B 4 11.72 -1.19 16.69
N SER B 5 11.62 -0.68 17.92
CA SER B 5 10.85 0.52 18.19
C SER B 5 11.73 1.76 18.17
N GLY B 6 11.09 2.92 17.99
CA GLY B 6 11.75 4.20 17.84
C GLY B 6 11.57 4.77 16.45
N ALA B 7 11.89 6.05 16.31
CA ALA B 7 11.72 6.72 15.04
C ALA B 7 13.04 6.79 14.29
N PHE B 8 12.99 6.62 12.98
CA PHE B 8 14.19 6.60 12.16
C PHE B 8 14.29 7.88 11.34
N HIS B 9 15.41 8.59 11.48
CA HIS B 9 15.51 9.94 10.97
C HIS B 9 16.37 10.07 9.73
N TYR B 10 17.34 9.16 9.54
CA TYR B 10 18.30 9.29 8.46
C TYR B 10 18.40 8.05 7.57
N SER B 11 17.46 7.11 7.66
CA SER B 11 17.66 5.81 7.05
C SER B 11 16.32 5.23 6.63
N ASP B 12 16.40 4.29 5.71
CA ASP B 12 15.24 3.59 5.18
C ASP B 12 15.47 2.09 5.33
N SER B 13 14.42 1.39 5.72
CA SER B 13 14.47 -0.07 5.77
C SER B 13 14.86 -0.67 4.42
N VAL B 14 15.62 -1.75 4.46
CA VAL B 14 15.91 -2.52 3.26
C VAL B 14 16.00 -4.00 3.64
N ASN B 15 16.25 -4.84 2.66
CA ASN B 15 16.43 -6.26 2.93
C ASN B 15 17.07 -6.89 1.69
N PRO B 16 17.46 -8.16 1.74
CA PRO B 16 18.18 -8.72 0.58
C PRO B 16 17.35 -8.73 -0.69
N SER B 17 16.03 -8.93 -0.58
CA SER B 17 15.19 -9.04 -1.77
C SER B 17 15.31 -7.81 -2.65
N LYS B 18 15.36 -6.64 -2.07
CA LYS B 18 15.42 -5.46 -2.92
C LYS B 18 16.78 -5.19 -3.49
N TYR B 19 17.73 -6.10 -3.31
CA TYR B 19 19.11 -5.90 -3.75
C TYR B 19 19.44 -6.81 -4.93
N SER B 20 20.28 -6.29 -5.81
CA SER B 20 20.64 -6.95 -7.05
C SER B 20 21.92 -6.31 -7.59
N PRO B 21 22.94 -7.11 -7.97
CA PRO B 21 22.96 -8.58 -7.89
C PRO B 21 22.89 -9.04 -6.45
N ARG B 22 22.29 -10.14 -6.25
CA ARG B 22 22.03 -10.58 -4.88
C ARG B 22 23.27 -11.26 -4.31
N PRO B 23 23.57 -11.07 -3.03
CA PRO B 23 24.67 -11.81 -2.41
C PRO B 23 24.33 -13.29 -2.37
N SER B 24 25.35 -14.09 -2.65
CA SER B 24 25.16 -15.53 -2.83
C SER B 24 24.89 -16.27 -1.51
N ASP B 25 25.46 -15.83 -0.38
CA ASP B 25 25.49 -16.63 0.86
C ASP B 25 25.19 -15.70 2.04
N TYR B 26 23.94 -15.26 2.13
CA TYR B 26 23.46 -14.45 3.25
C TYR B 26 22.44 -15.24 4.06
N PHE B 27 22.60 -15.24 5.38
CA PHE B 27 21.70 -15.97 6.27
C PHE B 27 21.48 -15.20 7.54
N GLY B 28 21.37 -13.88 7.43
CA GLY B 28 21.18 -13.06 8.59
C GLY B 28 19.75 -13.13 9.08
N THR B 29 19.58 -13.03 10.39
CA THR B 29 18.23 -12.96 10.97
C THR B 29 17.95 -11.65 11.66
N LEU B 30 19.01 -10.69 11.76
CA LEU B 30 18.54 -9.44 12.33
C LEU B 30 18.28 -8.45 11.22
N PRO B 31 17.39 -7.50 11.44
CA PRO B 31 17.02 -6.55 10.38
C PRO B 31 18.16 -5.59 10.07
N PHE B 32 18.02 -4.84 8.97
CA PHE B 32 19.00 -3.80 8.67
C PHE B 32 18.37 -2.72 7.80
N ARG B 33 19.11 -1.60 7.67
CA ARG B 33 18.69 -0.38 6.99
C ARG B 33 19.86 0.22 6.25
N THR B 34 19.57 1.11 5.29
CA THR B 34 20.59 1.92 4.61
C THR B 34 20.39 3.38 4.92
N SER B 35 21.49 4.07 5.19
CA SER B 35 21.43 5.50 5.34
C SER B 35 20.99 6.18 4.05
N ARG B 36 20.54 7.41 4.19
CA ARG B 36 20.28 8.28 3.06
C ARG B 36 21.54 9.02 2.61
N PHE B 37 22.67 8.77 3.26
CA PHE B 37 23.88 9.56 3.07
C PHE B 37 25.03 8.69 2.57
N GLU B 38 24.66 7.61 1.87
CA GLU B 38 25.68 6.79 1.22
C GLU B 38 26.58 7.60 0.30
N ARG B 39 26.01 8.58 -0.41
CA ARG B 39 26.81 9.36 -1.34
C ARG B 39 28.00 9.98 -0.63
N GLU B 40 27.72 10.66 0.48
CA GLU B 40 28.76 11.23 1.33
C GLU B 40 29.74 10.15 1.80
N ALA B 41 29.21 9.02 2.26
CA ALA B 41 30.08 7.98 2.82
C ALA B 41 31.07 7.48 1.79
N ALA B 42 30.59 7.16 0.58
CA ALA B 42 31.46 6.59 -0.41
C ALA B 42 32.42 7.63 -0.96
N ASP B 43 32.08 8.91 -0.84
CA ASP B 43 32.98 9.95 -1.31
C ASP B 43 34.19 10.06 -0.39
N VAL B 44 33.94 10.06 0.93
CA VAL B 44 35.04 10.08 1.89
C VAL B 44 35.89 8.81 1.79
N THR B 45 35.25 7.67 1.54
CA THR B 45 36.05 6.46 1.34
C THR B 45 36.93 6.59 0.10
N ALA B 46 36.38 7.11 -1.00
CA ALA B 46 37.20 7.18 -2.20
C ALA B 46 38.35 8.16 -2.06
N ASP B 47 38.36 8.97 -1.02
CA ASP B 47 39.39 9.96 -0.77
C ASP B 47 40.36 9.53 0.31
N TYR B 48 39.81 8.96 1.38
CA TYR B 48 40.64 8.44 2.45
C TYR B 48 41.61 7.41 1.93
N LEU B 49 41.16 6.53 1.03
CA LEU B 49 42.03 5.48 0.52
C LEU B 49 43.28 6.07 -0.11
N ARG B 50 43.11 7.06 -0.98
CA ARG B 50 44.26 7.67 -1.64
C ARG B 50 45.17 8.33 -0.62
N LYS B 51 44.60 8.75 0.50
CA LYS B 51 45.36 9.41 1.56
C LYS B 51 45.97 8.44 2.55
N TRP B 52 45.51 7.19 2.60
CA TRP B 52 46.10 6.20 3.49
C TRP B 52 47.23 5.43 2.83
N GLN B 53 47.14 5.18 1.51
CA GLN B 53 48.24 4.50 0.84
C GLN B 53 49.44 5.42 0.68
N LYS B 54 49.23 6.75 0.69
CA LYS B 54 50.37 7.64 0.67
C LYS B 54 51.13 7.63 2.01
N ALA B 55 50.43 7.45 3.14
CA ALA B 55 51.13 7.28 4.41
C ALA B 55 51.79 5.90 4.56
N VAL B 56 51.16 4.86 4.01
CA VAL B 56 51.77 3.53 4.08
C VAL B 56 53.03 3.47 3.23
N LYS B 57 52.95 4.00 2.00
CA LYS B 57 54.12 4.15 1.15
C LYS B 57 55.15 5.10 1.76
N ALA B 58 54.70 6.12 2.49
CA ALA B 58 55.63 6.89 3.31
C ALA B 58 56.33 5.99 4.34
N ASP B 59 55.57 5.14 5.03
CA ASP B 59 56.17 4.32 6.06
C ASP B 59 57.04 3.20 5.47
N ASN B 60 56.60 2.57 4.39
CA ASN B 60 57.41 1.56 3.69
C ASN B 60 57.50 1.93 2.23
N PRO B 61 58.59 2.60 1.81
CA PRO B 61 58.74 2.93 0.39
C PRO B 61 59.10 1.71 -0.43
N GLU B 62 59.42 0.61 0.24
CA GLU B 62 59.54 -0.67 -0.46
C GLU B 62 58.19 -1.19 -0.88
N ARG B 63 57.16 -0.92 -0.06
CA ARG B 63 55.91 -1.65 -0.21
C ARG B 63 55.40 -1.59 -1.64
N LYS B 64 54.89 -2.73 -2.09
CA LYS B 64 54.56 -2.97 -3.49
C LYS B 64 53.11 -2.63 -3.80
N ASP B 65 52.21 -3.47 -3.32
CA ASP B 65 50.78 -3.26 -3.46
C ASP B 65 50.28 -2.38 -2.33
N LEU B 66 49.47 -1.41 -2.69
CA LEU B 66 48.70 -0.63 -1.73
C LEU B 66 47.20 -0.93 -1.86
N VAL B 67 46.86 -2.17 -2.12
CA VAL B 67 45.48 -2.60 -2.23
C VAL B 67 44.89 -2.74 -0.83
N PHE B 68 43.80 -2.03 -0.56
CA PHE B 68 43.12 -2.08 0.72
C PHE B 68 41.62 -2.07 0.50
N HIS B 69 40.94 -3.14 0.87
CA HIS B 69 39.51 -3.24 0.63
C HIS B 69 38.76 -2.71 1.84
N GLY B 70 38.11 -1.56 1.66
CA GLY B 70 37.49 -0.89 2.79
C GLY B 70 35.98 -0.92 2.78
N SER B 71 35.39 0.24 2.93
CA SER B 71 34.01 0.35 3.37
C SER B 71 32.99 0.35 2.24
N THR B 72 33.40 0.51 0.99
CA THR B 72 32.48 0.62 -0.13
C THR B 72 32.29 -0.72 -0.83
N THR B 73 31.05 -1.03 -1.20
CA THR B 73 30.74 -2.22 -1.98
C THR B 73 29.96 -1.83 -3.21
N THR B 74 29.69 -2.82 -4.07
CA THR B 74 28.90 -2.51 -5.24
C THR B 74 27.42 -2.30 -4.91
N LEU B 75 26.96 -2.69 -3.71
CA LEU B 75 25.57 -2.51 -3.33
C LEU B 75 25.36 -1.43 -2.28
N GLY B 76 26.42 -0.95 -1.62
CA GLY B 76 26.24 -0.01 -0.53
C GLY B 76 27.55 0.43 0.10
N HIS B 77 27.52 0.68 1.41
CA HIS B 77 28.68 1.15 2.16
C HIS B 77 28.57 0.64 3.59
N PHE B 78 29.70 0.23 4.15
CA PHE B 78 29.71 -0.29 5.52
C PHE B 78 29.10 0.68 6.50
N VAL B 79 29.27 1.98 6.30
CA VAL B 79 28.73 2.92 7.28
C VAL B 79 27.23 3.05 7.11
N SER B 80 26.76 3.18 5.86
CA SER B 80 25.33 3.37 5.62
C SER B 80 24.53 2.23 6.23
N TRP B 81 25.11 1.03 6.25
CA TRP B 81 24.45 -0.17 6.74
C TRP B 81 24.74 -0.39 8.22
N ALA B 82 26.01 -0.32 8.61
CA ALA B 82 26.35 -0.51 10.01
C ALA B 82 25.77 0.60 10.89
N TYR B 83 25.94 1.86 10.49
CA TYR B 83 25.55 3.01 11.31
C TYR B 83 24.45 3.82 10.61
N PRO B 84 23.30 3.20 10.32
CA PRO B 84 22.27 3.90 9.51
C PRO B 84 21.82 5.22 10.11
N GLU B 85 21.70 5.32 11.43
CA GLU B 85 21.19 6.53 12.04
C GLU B 85 22.32 7.48 12.46
N CYS B 86 23.51 7.28 11.90
CA CYS B 86 24.60 8.21 12.13
C CYS B 86 24.19 9.62 11.69
N ILE B 87 24.29 10.57 12.60
CA ILE B 87 23.94 11.97 12.36
C ILE B 87 24.58 12.44 11.06
N PRO B 88 23.84 13.12 10.17
CA PRO B 88 24.43 13.49 8.87
C PRO B 88 25.80 14.15 8.91
N ASP B 89 26.08 15.12 9.80
CA ASP B 89 27.41 15.73 9.75
C ASP B 89 28.50 14.87 10.39
N ARG B 90 28.15 13.78 11.07
CA ARG B 90 29.14 12.86 11.60
C ARG B 90 29.45 11.69 10.66
N VAL B 91 28.83 11.63 9.49
CA VAL B 91 29.04 10.50 8.58
C VAL B 91 30.46 10.52 8.03
N ASP B 92 30.90 11.69 7.56
CA ASP B 92 32.28 11.90 7.14
C ASP B 92 33.27 11.27 8.13
N LEU B 93 33.29 11.77 9.37
CA LEU B 93 34.22 11.25 10.37
C LEU B 93 33.92 9.79 10.73
N CYS B 94 32.65 9.41 10.80
CA CYS B 94 32.38 7.99 11.00
C CYS B 94 33.00 7.13 9.89
N THR B 95 33.13 7.68 8.68
CA THR B 95 33.75 6.89 7.63
C THR B 95 35.26 6.82 7.80
N GLN B 96 35.90 7.96 8.11
CA GLN B 96 37.33 7.94 8.43
C GLN B 96 37.63 6.89 9.49
N ILE B 97 36.87 6.88 10.59
CA ILE B 97 37.15 5.97 11.70
C ILE B 97 37.08 4.52 11.22
N CYS B 98 36.13 4.22 10.35
CA CYS B 98 35.88 2.83 9.97
C CYS B 98 36.88 2.32 8.94
N ASP B 99 37.16 3.13 7.91
CA ASP B 99 38.16 2.75 6.93
C ASP B 99 39.53 2.63 7.59
N PHE B 100 39.83 3.55 8.52
CA PHE B 100 41.07 3.47 9.26
C PHE B 100 41.15 2.20 10.06
N GLY B 101 40.05 1.84 10.72
CA GLY B 101 40.01 0.58 11.45
C GLY B 101 40.31 -0.59 10.56
N PHE B 102 39.81 -0.55 9.32
CA PHE B 102 40.02 -1.63 8.34
C PHE B 102 41.46 -1.67 7.87
N TYR B 103 41.97 -0.53 7.36
CA TYR B 103 43.32 -0.52 6.80
C TYR B 103 44.35 -0.83 7.87
N TRP B 104 44.12 -0.33 9.09
CA TRP B 104 45.02 -0.60 10.20
C TRP B 104 44.97 -2.06 10.59
N ASP B 105 43.77 -2.68 10.57
CA ASP B 105 43.72 -4.12 10.77
C ASP B 105 44.67 -4.79 9.81
N ASP B 106 44.59 -4.40 8.53
CA ASP B 106 45.32 -5.07 7.46
C ASP B 106 46.82 -5.05 7.71
N VAL B 107 47.35 -3.90 8.09
CA VAL B 107 48.80 -3.76 8.20
C VAL B 107 49.31 -4.09 9.59
N THR B 108 48.49 -4.68 10.45
CA THR B 108 48.97 -5.12 11.77
C THR B 108 48.61 -6.54 12.16
N ASP B 109 47.57 -7.16 11.58
CA ASP B 109 47.10 -8.43 12.10
C ASP B 109 47.56 -9.61 11.26
N SER B 110 48.52 -9.37 10.39
CA SER B 110 49.09 -10.40 9.55
C SER B 110 50.61 -10.46 9.64
N VAL B 111 51.25 -9.45 10.26
CA VAL B 111 52.70 -9.39 10.42
C VAL B 111 53.12 -10.17 11.67
N ASN B 112 54.42 -10.29 11.93
CA ASN B 112 54.79 -11.04 13.12
C ASN B 112 54.59 -10.17 14.37
N VAL B 113 54.43 -10.80 15.54
CA VAL B 113 54.03 -10.03 16.71
C VAL B 113 55.02 -8.92 17.01
N GLN B 114 56.30 -9.14 16.77
CA GLN B 114 57.25 -8.06 17.04
C GLN B 114 56.90 -6.82 16.24
N GLU B 115 56.57 -6.98 14.96
CA GLU B 115 56.24 -5.83 14.12
C GLU B 115 54.95 -5.17 14.57
N ASN B 116 54.03 -5.96 15.13
CA ASN B 116 52.71 -5.49 15.53
C ASN B 116 52.75 -4.64 16.80
N ALA B 117 53.49 -5.07 17.83
CA ALA B 117 53.68 -4.18 18.99
C ALA B 117 54.29 -2.84 18.56
N GLU B 118 55.32 -2.88 17.71
CA GLU B 118 55.89 -1.64 17.22
C GLU B 118 54.80 -0.69 16.74
N ILE B 119 53.85 -1.22 15.93
CA ILE B 119 52.82 -0.39 15.32
C ILE B 119 51.72 -0.08 16.31
N THR B 120 51.47 -1.01 17.23
CA THR B 120 50.41 -0.82 18.21
C THR B 120 50.82 0.18 19.27
N GLN B 121 51.99 -0.02 19.89
CA GLN B 121 52.50 0.93 20.86
C GLN B 121 52.53 2.32 20.28
N ASP B 122 52.81 2.45 18.99
CA ASP B 122 52.91 3.77 18.36
C ASP B 122 51.54 4.44 18.28
N LEU B 123 50.56 3.77 17.68
CA LEU B 123 49.21 4.34 17.62
C LEU B 123 48.70 4.63 19.02
N ALA B 124 48.97 3.73 19.97
CA ALA B 124 48.57 3.94 21.35
C ALA B 124 49.01 5.31 21.88
N LEU B 125 50.17 5.82 21.42
CA LEU B 125 50.58 7.18 21.81
C LEU B 125 49.54 8.23 21.40
N ALA B 126 48.97 8.09 20.20
CA ALA B 126 47.99 9.09 19.74
C ALA B 126 46.67 8.98 20.49
N LEU B 127 46.28 7.76 20.87
CA LEU B 127 45.06 7.61 21.62
C LEU B 127 45.28 8.20 23.00
N LEU B 128 46.13 7.54 23.79
CA LEU B 128 46.42 7.91 25.17
C LEU B 128 46.52 9.42 25.35
N SER B 129 47.10 10.11 24.36
CA SER B 129 47.29 11.55 24.48
C SER B 129 45.97 12.33 24.49
N GLU B 130 44.88 11.65 24.23
CA GLU B 130 43.56 12.25 24.25
C GLU B 130 42.78 11.84 25.45
N LEU B 131 43.35 10.92 26.22
CA LEU B 131 42.76 10.37 27.41
C LEU B 131 43.46 10.84 28.68
N THR B 132 44.44 11.70 28.48
CA THR B 132 45.20 12.30 29.53
C THR B 132 45.24 13.76 29.28
N LEU B 133 45.45 14.51 30.36
CA LEU B 133 45.51 15.95 30.30
C LEU B 133 46.95 16.46 30.31
N GLY B 134 47.93 15.62 30.62
CA GLY B 134 49.27 16.18 30.63
C GLY B 134 50.24 15.85 29.51
N GLN B 135 50.80 14.66 29.65
CA GLN B 135 51.82 14.08 28.81
C GLN B 135 51.31 13.94 27.40
N ARG B 136 51.63 14.85 26.50
CA ARG B 136 51.25 14.62 25.11
C ARG B 136 52.31 14.13 24.11
N LEU B 137 52.34 12.81 23.90
CA LEU B 137 53.27 12.19 23.01
C LEU B 137 52.70 12.04 21.63
N GLU B 138 53.50 12.27 20.62
CA GLU B 138 52.90 12.11 19.31
C GLU B 138 53.39 10.83 18.67
N PRO B 139 52.59 10.25 17.76
CA PRO B 139 53.06 9.08 17.00
C PRO B 139 54.14 9.44 16.00
N LYS B 140 54.96 8.42 15.69
CA LYS B 140 56.09 8.55 14.79
C LYS B 140 55.88 7.90 13.43
N LEU B 141 54.86 7.05 13.28
CA LEU B 141 54.53 6.44 11.98
C LEU B 141 53.50 7.29 11.28
N GLU B 142 53.64 7.39 9.94
CA GLU B 142 52.71 8.22 9.16
C GLU B 142 51.30 7.65 9.18
N ILE B 143 51.18 6.32 9.12
CA ILE B 143 49.87 5.69 9.25
C ILE B 143 49.20 6.07 10.56
N ASN B 144 49.98 6.14 11.66
CA ASN B 144 49.42 6.54 12.94
C ASN B 144 49.30 8.06 13.09
N LYS B 145 50.13 8.85 12.39
CA LYS B 145 50.01 10.29 12.51
C LYS B 145 48.60 10.77 12.15
N ILE B 146 47.93 10.06 11.24
CA ILE B 146 46.63 10.52 10.74
C ILE B 146 45.63 10.66 11.87
N VAL B 147 45.67 9.77 12.86
CA VAL B 147 44.56 9.72 13.82
C VAL B 147 44.49 10.98 14.67
N VAL B 148 45.52 11.82 14.63
CA VAL B 148 45.51 13.02 15.46
C VAL B 148 44.36 13.93 15.03
N GLN B 149 44.40 14.40 13.78
CA GLN B 149 43.33 15.28 13.30
C GLN B 149 41.98 14.60 13.37
N MET B 150 41.95 13.29 13.11
CA MET B 150 40.69 12.58 13.14
C MET B 150 40.07 12.62 14.53
N LEU B 151 40.85 12.24 15.56
CA LEU B 151 40.35 12.34 16.93
C LEU B 151 39.93 13.75 17.25
N TRP B 152 40.53 14.74 16.60
CA TRP B 152 40.14 16.12 16.83
C TRP B 152 38.74 16.37 16.33
N GLY B 153 38.46 15.97 15.09
CA GLY B 153 37.11 16.05 14.57
C GLY B 153 36.11 15.34 15.47
N VAL B 154 36.42 14.10 15.84
CA VAL B 154 35.54 13.36 16.73
C VAL B 154 35.27 14.15 18.01
N LEU B 155 36.34 14.52 18.72
CA LEU B 155 36.12 15.19 19.99
C LEU B 155 35.47 16.55 19.79
N ASP B 156 35.65 17.15 18.62
CA ASP B 156 35.01 18.43 18.38
C ASP B 156 33.51 18.28 18.23
N LYS B 157 33.05 17.20 17.59
CA LYS B 157 31.62 16.98 17.42
C LYS B 157 30.96 16.62 18.75
N ASP B 158 31.66 15.92 19.63
CA ASP B 158 31.08 15.53 20.91
C ASP B 158 32.17 14.97 21.81
N ARG B 159 32.57 15.73 22.83
CA ARG B 159 33.65 15.29 23.70
C ARG B 159 33.24 14.05 24.50
N LYS B 160 32.07 14.08 25.15
CA LYS B 160 31.73 13.00 26.07
C LYS B 160 31.65 11.66 25.34
N SER B 161 30.95 11.61 24.20
CA SER B 161 30.90 10.38 23.42
C SER B 161 32.28 10.02 22.88
N GLY B 162 32.97 11.01 22.29
CA GLY B 162 34.29 10.73 21.75
C GLY B 162 35.22 10.07 22.75
N LEU B 163 35.34 10.64 23.94
CA LEU B 163 36.25 10.08 24.93
C LEU B 163 35.99 8.58 25.18
N GLU B 164 34.72 8.22 25.40
CA GLU B 164 34.40 6.81 25.65
C GLU B 164 34.77 5.95 24.45
N MET B 165 34.43 6.42 23.24
CA MET B 165 34.86 5.72 22.04
C MET B 165 36.37 5.47 22.07
N ILE B 166 37.14 6.47 22.46
CA ILE B 166 38.60 6.35 22.44
C ILE B 166 39.07 5.36 23.49
N LYS B 167 38.48 5.36 24.68
CA LYS B 167 38.85 4.34 25.66
C LYS B 167 38.67 2.97 25.04
N PHE B 168 37.51 2.74 24.42
CA PHE B 168 37.24 1.41 23.90
C PHE B 168 38.13 1.09 22.71
N TRP B 169 38.51 2.12 21.95
CA TRP B 169 39.50 1.97 20.89
C TRP B 169 40.82 1.45 21.45
N LYS B 170 41.42 2.20 22.37
CA LYS B 170 42.65 1.72 22.99
C LYS B 170 42.43 0.32 23.55
N GLY B 171 41.25 0.07 24.11
CA GLY B 171 40.93 -1.26 24.58
C GLY B 171 40.98 -2.30 23.47
N HIS B 172 40.61 -1.91 22.25
CA HIS B 172 40.78 -2.82 21.13
C HIS B 172 42.26 -3.07 20.84
N LEU B 173 43.10 -2.03 20.91
CA LEU B 173 44.53 -2.25 20.68
C LEU B 173 45.11 -3.23 21.69
N ASP B 174 44.75 -3.08 22.96
CA ASP B 174 45.21 -4.03 23.96
C ASP B 174 44.83 -5.45 23.58
N GLY B 175 43.65 -5.62 23.00
CA GLY B 175 43.16 -6.97 22.77
C GLY B 175 43.94 -7.67 21.68
N GLN B 176 44.02 -7.07 20.49
CA GLN B 176 44.71 -7.73 19.38
C GLN B 176 46.21 -7.84 19.60
N ALA B 177 46.75 -7.07 20.54
CA ALA B 177 48.14 -7.26 20.90
C ALA B 177 48.40 -8.62 21.56
N GLU B 178 47.36 -9.42 21.80
CA GLU B 178 47.51 -10.73 22.40
C GLU B 178 47.40 -11.89 21.44
N SER B 179 46.95 -11.67 20.20
CA SER B 179 46.72 -12.75 19.25
C SER B 179 48.07 -13.17 18.68
N ALA B 180 48.80 -13.93 19.49
CA ALA B 180 50.10 -14.44 19.12
C ALA B 180 50.06 -15.87 18.62
N HIS B 181 49.07 -16.66 19.02
CA HIS B 181 48.95 -18.04 18.56
C HIS B 181 47.46 -18.36 18.39
N ASN B 182 47.20 -19.53 17.80
CA ASN B 182 45.83 -20.01 17.65
C ASN B 182 45.70 -21.44 18.13
N ASN B 183 46.48 -21.82 19.14
CA ASN B 183 46.38 -23.14 19.74
C ASN B 183 45.49 -23.07 20.98
N MET B 184 44.19 -22.94 20.72
CA MET B 184 43.21 -22.86 21.78
C MET B 184 41.96 -23.67 21.41
N SER B 185 41.17 -23.95 22.43
CA SER B 185 39.87 -24.58 22.25
C SER B 185 38.87 -23.58 21.70
N PHE B 186 37.71 -24.07 21.27
CA PHE B 186 36.68 -23.17 20.79
C PHE B 186 36.21 -22.24 21.91
N GLU B 187 36.04 -22.77 23.11
CA GLU B 187 35.76 -21.91 24.25
C GLU B 187 36.81 -20.80 24.38
N GLU B 188 38.09 -21.18 24.39
CA GLU B 188 39.15 -20.18 24.52
C GLU B 188 39.06 -19.15 23.42
N TYR B 189 38.76 -19.60 22.20
CA TYR B 189 38.82 -18.70 21.06
C TYR B 189 37.70 -17.67 21.15
N THR B 190 36.51 -18.09 21.52
CA THR B 190 35.40 -17.15 21.52
C THR B 190 35.62 -16.03 22.53
N LYS B 191 36.31 -16.33 23.64
CA LYS B 191 36.55 -15.31 24.64
C LYS B 191 37.69 -14.38 24.20
N HIS B 192 38.76 -14.94 23.64
CA HIS B 192 39.86 -14.15 23.11
C HIS B 192 39.42 -13.30 21.93
N ARG B 193 38.59 -13.87 21.04
CA ARG B 193 38.20 -13.19 19.81
C ARG B 193 37.29 -12.01 20.11
N LEU B 194 36.25 -12.21 20.92
CA LEU B 194 35.39 -11.08 21.27
C LEU B 194 36.22 -9.90 21.79
N SER B 195 37.32 -10.20 22.47
CA SER B 195 38.20 -9.15 22.96
C SER B 195 39.06 -8.53 21.87
N GLU B 196 39.15 -9.14 20.70
CA GLU B 196 40.11 -8.76 19.67
C GLU B 196 39.46 -8.43 18.34
N VAL B 197 38.14 -8.56 18.23
CA VAL B 197 37.41 -8.34 16.99
C VAL B 197 36.93 -6.91 16.86
N GLY B 198 37.05 -6.10 17.91
CA GLY B 198 36.68 -4.71 17.83
C GLY B 198 35.21 -4.42 18.02
N ALA B 199 34.42 -5.41 18.45
CA ALA B 199 32.98 -5.19 18.54
C ALA B 199 32.65 -4.12 19.57
N ARG B 200 33.30 -4.17 20.74
CA ARG B 200 33.02 -3.19 21.78
C ARG B 200 33.29 -1.77 21.30
N TRP B 201 34.39 -1.59 20.58
CA TRP B 201 34.72 -0.30 19.96
C TRP B 201 33.68 0.08 18.91
N ALA B 202 33.27 -0.90 18.08
CA ALA B 202 32.20 -0.67 17.12
C ALA B 202 30.97 -0.07 17.80
N VAL B 203 30.61 -0.61 18.98
CA VAL B 203 29.42 -0.15 19.68
C VAL B 203 29.57 1.34 20.03
N GLU B 204 30.72 1.70 20.59
CA GLU B 204 31.00 3.10 20.93
C GLU B 204 31.15 3.96 19.69
N VAL B 205 31.69 3.43 18.59
CA VAL B 205 31.65 4.25 17.38
C VAL B 205 30.21 4.56 17.02
N GLY B 206 29.31 3.63 17.34
CA GLY B 206 27.90 3.81 17.05
C GLY B 206 27.25 4.80 18.00
N CYS B 207 27.76 4.87 19.21
CA CYS B 207 27.24 5.78 20.22
C CYS B 207 27.56 7.22 19.88
N TRP B 208 28.76 7.43 19.33
CA TRP B 208 29.20 8.77 18.95
C TRP B 208 28.57 9.21 17.63
N SER B 209 28.41 8.26 16.72
CA SER B 209 27.82 8.55 15.41
C SER B 209 26.34 8.92 15.55
N LEU B 210 25.66 8.27 16.49
CA LEU B 210 24.25 8.52 16.72
C LEU B 210 24.05 9.53 17.85
N GLY B 211 25.14 9.89 18.53
CA GLY B 211 25.08 10.82 19.63
C GLY B 211 24.22 10.32 20.77
N ILE B 212 24.54 9.13 21.26
CA ILE B 212 23.79 8.52 22.36
C ILE B 212 24.40 8.88 23.71
N ASN B 213 23.57 9.38 24.61
CA ASN B 213 24.04 9.77 25.95
C ASN B 213 23.49 8.81 27.00
N LEU B 214 24.19 7.70 27.20
CA LEU B 214 23.79 6.69 28.17
C LEU B 214 24.94 6.33 29.11
N SER B 215 24.62 6.20 30.40
CA SER B 215 25.62 5.85 31.40
C SER B 215 26.20 4.46 31.16
N ARG B 216 27.47 4.29 31.54
CA ARG B 216 28.08 2.97 31.49
C ARG B 216 27.34 1.95 32.34
N GLU B 217 26.76 2.37 33.49
CA GLU B 217 26.03 1.42 34.33
C GLU B 217 24.77 0.93 33.63
N LYS B 218 24.14 1.79 32.84
CA LYS B 218 22.95 1.38 32.11
C LYS B 218 23.30 0.48 30.93
N LYS B 219 24.41 0.75 30.22
CA LYS B 219 24.85 -0.17 29.17
C LYS B 219 25.24 -1.53 29.71
N ASP B 220 25.66 -1.63 30.97
CA ASP B 220 26.03 -2.91 31.55
C ASP B 220 24.83 -3.74 31.99
N SER B 221 23.69 -3.10 32.25
CA SER B 221 22.50 -3.86 32.58
C SER B 221 22.02 -4.68 31.41
N VAL B 222 22.50 -4.39 30.20
CA VAL B 222 22.12 -5.16 29.03
C VAL B 222 23.27 -5.90 28.38
N ALA B 223 24.49 -5.80 28.92
CA ALA B 223 25.60 -6.59 28.37
C ALA B 223 25.26 -8.08 28.23
N HIS B 224 24.54 -8.65 29.20
CA HIS B 224 24.33 -10.10 29.20
C HIS B 224 23.73 -10.58 27.89
N PHE B 225 22.82 -9.83 27.28
CA PHE B 225 22.39 -10.29 25.97
C PHE B 225 23.08 -9.59 24.81
N VAL B 226 23.49 -8.33 24.96
CA VAL B 226 24.21 -7.66 23.88
C VAL B 226 25.43 -8.50 23.48
N ASN B 227 26.14 -9.02 24.48
CA ASN B 227 27.43 -9.61 24.15
C ASN B 227 27.27 -10.86 23.31
N LYS B 228 26.19 -11.59 23.52
CA LYS B 228 25.92 -12.77 22.71
C LYS B 228 25.63 -12.39 21.27
N GLY B 229 25.16 -11.17 21.03
CA GLY B 229 25.05 -10.69 19.67
C GLY B 229 26.41 -10.32 19.08
N LEU B 230 27.25 -9.69 19.88
CA LEU B 230 28.58 -9.32 19.39
C LEU B 230 29.42 -10.55 19.09
N LEU B 231 29.43 -11.52 20.01
CA LEU B 231 30.07 -12.80 19.70
C LEU B 231 29.59 -13.32 18.36
N ALA B 232 28.28 -13.45 18.18
CA ALA B 232 27.77 -13.87 16.89
C ALA B 232 28.35 -13.02 15.77
N ALA B 233 28.39 -11.71 15.94
CA ALA B 233 28.92 -10.84 14.89
C ALA B 233 30.38 -11.17 14.58
N ALA B 234 31.12 -11.73 15.54
CA ALA B 234 32.52 -12.08 15.30
C ALA B 234 32.64 -13.39 14.56
N LEU B 235 31.90 -14.41 15.01
CA LEU B 235 31.84 -15.65 14.25
C LEU B 235 31.35 -15.39 12.83
N MET B 236 30.40 -14.46 12.65
CA MET B 236 30.00 -14.08 11.30
C MET B 236 31.18 -13.55 10.51
N ASN B 237 31.99 -12.68 11.13
CA ASN B 237 33.16 -12.18 10.44
C ASN B 237 34.14 -13.30 10.16
N ASP B 238 34.36 -14.18 11.14
CA ASP B 238 35.26 -15.31 10.90
C ASP B 238 34.79 -16.13 9.71
N TYR B 239 33.46 -16.29 9.58
CA TYR B 239 32.86 -17.10 8.53
C TYR B 239 33.16 -16.53 7.14
N TYR B 240 32.85 -15.24 6.92
CA TYR B 240 33.03 -14.65 5.59
C TYR B 240 34.47 -14.29 5.29
N SER B 241 35.30 -14.02 6.29
CA SER B 241 36.64 -13.50 6.08
C SER B 241 37.72 -14.56 6.21
N PHE B 242 37.32 -15.83 6.33
CA PHE B 242 38.31 -16.88 6.46
C PHE B 242 39.15 -17.02 5.20
N ASN B 243 38.49 -17.12 4.04
CA ASN B 243 39.21 -17.41 2.81
C ASN B 243 40.29 -16.35 2.56
N LYS B 244 39.96 -15.08 2.76
CA LYS B 244 40.96 -14.06 2.49
C LYS B 244 42.03 -14.06 3.55
N GLU B 245 41.68 -14.49 4.77
CA GLU B 245 42.66 -14.46 5.86
C GLU B 245 43.71 -15.53 5.68
N PHE B 246 43.27 -16.78 5.55
CA PHE B 246 44.13 -17.90 5.15
C PHE B 246 45.13 -17.47 4.09
N ASP B 247 44.62 -16.85 3.03
CA ASP B 247 45.43 -16.39 1.92
C ASP B 247 46.58 -15.49 2.37
N GLU B 248 46.26 -14.46 3.16
CA GLU B 248 47.29 -13.48 3.54
C GLU B 248 48.25 -14.06 4.59
N HIS B 249 47.74 -14.85 5.53
CA HIS B 249 48.64 -15.37 6.55
C HIS B 249 49.60 -16.38 5.95
N GLN B 250 49.12 -17.19 5.01
CA GLN B 250 50.00 -17.96 4.16
C GLN B 250 51.04 -17.05 3.48
N ARG B 251 50.54 -16.06 2.74
CA ARG B 251 51.33 -14.99 2.11
C ARG B 251 52.42 -14.45 3.03
N ALA B 252 52.09 -14.19 4.28
CA ALA B 252 52.97 -13.50 5.20
C ALA B 252 53.72 -14.44 6.13
N GLY B 253 53.52 -15.75 6.01
CA GLY B 253 54.22 -16.63 6.93
C GLY B 253 53.82 -16.45 8.38
N SER B 254 52.54 -16.13 8.62
CA SER B 254 52.02 -15.97 9.96
C SER B 254 50.80 -16.87 10.18
N MET B 255 50.93 -18.15 9.79
CA MET B 255 49.80 -19.08 9.80
C MET B 255 49.36 -19.43 11.21
N ASP B 256 50.16 -19.10 12.22
CA ASP B 256 49.82 -19.36 13.61
C ASP B 256 49.22 -18.14 14.30
N ARG B 257 49.09 -17.02 13.61
CA ARG B 257 48.40 -15.85 14.12
C ARG B 257 46.98 -15.71 13.58
N LEU B 258 46.58 -16.58 12.67
CA LEU B 258 45.26 -16.44 12.07
C LEU B 258 44.20 -16.61 13.14
N GLN B 259 43.43 -15.55 13.37
CA GLN B 259 42.37 -15.53 14.38
C GLN B 259 41.05 -15.77 13.69
N ASN B 260 40.49 -16.96 13.85
CA ASN B 260 39.33 -17.33 13.06
C ASN B 260 38.66 -18.62 13.53
N GLY B 261 37.41 -18.52 13.94
CA GLY B 261 36.75 -19.69 14.50
C GLY B 261 36.63 -20.82 13.50
N LEU B 262 36.48 -20.50 12.22
CA LEU B 262 36.45 -21.53 11.20
C LEU B 262 37.79 -22.26 11.15
N GLY B 263 38.89 -21.50 11.19
CA GLY B 263 40.19 -22.14 11.22
C GLY B 263 40.33 -23.04 12.42
N ILE B 264 39.80 -22.60 13.57
CA ILE B 264 40.00 -23.35 14.80
C ILE B 264 39.17 -24.62 14.78
N LEU B 265 37.99 -24.57 14.18
CA LEU B 265 37.21 -25.80 14.03
C LEU B 265 37.89 -26.79 13.10
N MET B 266 38.43 -26.33 11.98
CA MET B 266 39.04 -27.25 11.03
C MET B 266 40.36 -27.80 11.54
N ARG B 267 41.26 -26.91 11.97
CA ARG B 267 42.61 -27.30 12.35
C ARG B 267 42.67 -28.02 13.70
N GLU B 268 41.88 -27.59 14.68
CA GLU B 268 41.95 -28.15 16.03
C GLU B 268 40.89 -29.21 16.30
N TYR B 269 39.87 -29.30 15.46
CA TYR B 269 38.85 -30.30 15.62
C TYR B 269 38.63 -31.11 14.35
N GLY B 270 39.44 -30.90 13.32
CA GLY B 270 39.34 -31.70 12.11
C GLY B 270 37.98 -31.76 11.47
N TYR B 271 37.11 -30.80 11.77
CA TYR B 271 35.91 -30.65 10.97
C TYR B 271 36.30 -30.32 9.53
N THR B 272 35.35 -30.49 8.62
CA THR B 272 35.50 -29.99 7.25
C THR B 272 34.77 -28.65 7.12
N GLU B 273 35.19 -27.85 6.13
CA GLU B 273 34.60 -26.54 5.90
C GLU B 273 33.10 -26.65 6.04
N THR B 274 32.44 -27.38 5.14
CA THR B 274 31.00 -27.58 5.24
C THR B 274 30.58 -27.84 6.68
N GLU B 275 31.32 -28.72 7.38
CA GLU B 275 31.00 -29.03 8.77
C GLU B 275 31.21 -27.82 9.67
N ALA B 276 32.35 -27.14 9.50
CA ALA B 276 32.66 -26.02 10.36
C ALA B 276 31.80 -24.82 10.02
N ARG B 277 31.55 -24.60 8.73
CA ARG B 277 30.63 -23.53 8.35
C ARG B 277 29.27 -23.78 8.97
N SER B 278 28.81 -25.02 8.95
CA SER B 278 27.51 -25.33 9.51
C SER B 278 27.49 -25.02 11.00
N ILE B 279 28.54 -25.40 11.71
CA ILE B 279 28.64 -25.11 13.13
C ILE B 279 28.59 -23.60 13.37
N LEU B 280 29.34 -22.84 12.58
CA LEU B 280 29.35 -21.41 12.75
C LEU B 280 27.97 -20.83 12.52
N ARG B 281 27.30 -21.27 11.46
CA ARG B 281 26.00 -20.69 11.15
C ARG B 281 25.05 -20.90 12.32
N GLU B 282 25.18 -22.04 13.01
CA GLU B 282 24.36 -22.30 14.18
C GLU B 282 24.68 -21.33 15.31
N GLU B 283 25.96 -21.17 15.64
CA GLU B 283 26.31 -20.29 16.77
C GLU B 283 25.91 -18.86 16.48
N ILE B 284 26.05 -18.41 15.22
CA ILE B 284 25.61 -17.06 14.85
C ILE B 284 24.12 -16.88 15.10
N ARG B 285 23.31 -17.86 14.70
CA ARG B 285 21.87 -17.73 14.90
C ARG B 285 21.53 -17.65 16.39
N LYS B 286 22.22 -18.46 17.18
CA LYS B 286 22.01 -18.46 18.62
C LYS B 286 22.27 -17.07 19.20
N GLY B 287 23.40 -16.48 18.84
CA GLY B 287 23.69 -15.13 19.27
C GLY B 287 22.69 -14.15 18.71
N GLU B 288 22.46 -14.23 17.41
CA GLU B 288 21.51 -13.35 16.73
C GLU B 288 20.15 -13.33 17.42
N ARG B 289 19.75 -14.47 17.99
CA ARG B 289 18.50 -14.57 18.66
C ARG B 289 18.57 -14.17 20.10
N ALA B 290 19.70 -14.29 20.73
CA ALA B 290 19.81 -13.91 22.09
C ALA B 290 19.71 -12.43 22.24
N ILE B 291 20.35 -11.67 21.38
CA ILE B 291 20.23 -10.22 21.51
C ILE B 291 18.79 -9.78 21.24
N MET B 292 18.15 -10.39 20.25
CA MET B 292 16.79 -9.98 19.86
C MET B 292 15.76 -10.39 20.92
N ASP B 293 15.84 -11.63 21.43
CA ASP B 293 15.02 -12.03 22.57
C ASP B 293 15.31 -11.17 23.80
N GLY B 294 16.59 -10.88 24.07
CA GLY B 294 16.90 -10.10 25.25
C GLY B 294 16.34 -8.70 25.19
N TYR B 295 16.28 -8.13 23.98
CA TYR B 295 15.82 -6.75 23.82
C TYR B 295 14.30 -6.67 23.86
N ILE B 296 13.62 -7.56 23.14
CA ILE B 296 12.20 -7.78 23.31
C ILE B 296 11.84 -7.81 24.79
N ALA B 297 12.53 -8.69 25.54
CA ALA B 297 12.17 -8.87 26.95
C ALA B 297 12.51 -7.64 27.76
N TRP B 298 13.60 -6.95 27.43
CA TRP B 298 13.90 -5.72 28.13
C TRP B 298 12.87 -4.64 27.79
N ARG B 299 12.52 -4.50 26.51
CA ARG B 299 11.61 -3.45 26.10
C ARG B 299 10.26 -3.57 26.78
N GLU B 300 9.84 -4.80 27.06
CA GLU B 300 8.48 -5.00 27.54
C GLU B 300 8.30 -4.51 28.96
N SER B 301 9.35 -4.61 29.78
CA SER B 301 9.30 -4.13 31.15
C SER B 301 9.90 -2.74 31.29
N ALA B 302 10.24 -2.10 30.17
CA ALA B 302 10.86 -0.78 30.19
C ALA B 302 9.83 0.33 30.36
N ASP B 303 10.18 1.34 31.17
CA ASP B 303 9.35 2.53 31.28
C ASP B 303 9.80 3.56 30.25
N SER B 304 9.19 4.75 30.28
CA SER B 304 9.31 5.71 29.20
C SER B 304 10.33 6.82 29.46
N SER B 305 11.11 6.74 30.54
CA SER B 305 11.99 7.83 30.90
C SER B 305 13.00 8.14 29.80
N SER B 306 13.52 9.37 29.85
CA SER B 306 14.59 9.77 28.95
C SER B 306 15.70 8.72 28.93
N GLU B 307 16.06 8.22 30.11
CA GLU B 307 17.10 7.22 30.23
C GLU B 307 16.76 5.94 29.48
N SER B 308 15.48 5.57 29.46
CA SER B 308 15.07 4.34 28.81
C SER B 308 14.90 4.50 27.33
N HIS B 309 14.61 5.71 26.85
CA HIS B 309 14.58 5.91 25.40
C HIS B 309 15.99 5.85 24.82
N GLU B 310 16.99 6.35 25.57
CA GLU B 310 18.38 6.22 25.18
C GLU B 310 18.79 4.76 25.14
N LEU B 311 18.49 4.02 26.22
CA LEU B 311 18.80 2.61 26.25
C LEU B 311 18.16 1.87 25.08
N ASN B 312 16.92 2.25 24.72
CA ASN B 312 16.30 1.62 23.55
C ASN B 312 17.09 1.96 22.31
N ARG B 313 17.47 3.23 22.17
CA ARG B 313 18.33 3.62 21.06
C ARG B 313 19.62 2.82 21.07
N TYR B 314 20.25 2.70 22.24
CA TYR B 314 21.50 1.95 22.35
C TYR B 314 21.34 0.54 21.82
N ILE B 315 20.33 -0.19 22.31
CA ILE B 315 20.16 -1.58 21.92
C ILE B 315 19.80 -1.67 20.45
N VAL B 316 18.96 -0.77 19.97
CA VAL B 316 18.51 -0.88 18.59
C VAL B 316 19.68 -0.65 17.65
N MET B 317 20.45 0.40 17.93
CA MET B 317 21.66 0.68 17.16
C MET B 317 22.52 -0.56 17.01
N ILE B 318 22.82 -1.23 18.14
CA ILE B 318 23.63 -2.43 18.08
C ILE B 318 22.95 -3.48 17.21
N ILE B 319 21.67 -3.77 17.47
CA ILE B 319 20.97 -4.79 16.68
C ILE B 319 21.03 -4.46 15.18
N LEU B 320 20.76 -3.20 14.84
CA LEU B 320 20.93 -2.77 13.45
C LEU B 320 22.37 -2.88 13.01
N MET B 321 23.33 -2.53 13.88
CA MET B 321 24.74 -2.62 13.50
C MET B 321 25.12 -4.05 13.09
N ILE B 322 24.77 -5.05 13.91
CA ILE B 322 25.08 -6.43 13.54
C ILE B 322 24.35 -6.81 12.26
N GLY B 323 23.05 -6.52 12.21
CA GLY B 323 22.28 -6.80 11.00
C GLY B 323 22.89 -6.15 9.78
N GLY B 324 23.36 -4.91 9.93
CA GLY B 324 23.91 -4.20 8.79
C GLY B 324 25.26 -4.74 8.38
N ILE B 325 26.17 -4.94 9.35
CA ILE B 325 27.50 -5.44 9.01
C ILE B 325 27.40 -6.81 8.37
N THR B 326 26.46 -7.65 8.81
CA THR B 326 26.28 -8.96 8.22
C THR B 326 25.97 -8.85 6.73
N PHE B 327 24.98 -8.03 6.36
CA PHE B 327 24.67 -7.94 4.94
C PHE B 327 25.89 -7.48 4.18
N TRP B 328 26.61 -6.51 4.75
CA TRP B 328 27.85 -6.01 4.16
C TRP B 328 28.87 -7.14 3.98
N SER B 329 29.14 -7.89 5.05
CA SER B 329 30.19 -8.91 4.95
C SER B 329 29.87 -9.96 3.91
N SER B 330 28.59 -10.11 3.56
CA SER B 330 28.18 -11.15 2.63
C SER B 330 28.57 -10.85 1.20
N HIS B 331 29.06 -9.67 0.88
CA HIS B 331 29.44 -9.41 -0.52
C HIS B 331 30.61 -8.46 -0.69
N ALA B 332 31.12 -7.89 0.40
CA ALA B 332 32.16 -6.86 0.32
C ALA B 332 33.42 -7.41 -0.32
N SER B 333 34.08 -6.55 -1.12
CA SER B 333 35.35 -6.90 -1.73
C SER B 333 36.38 -7.37 -0.70
N ARG B 334 36.40 -6.78 0.48
CA ARG B 334 37.37 -7.17 1.51
C ARG B 334 37.46 -8.67 1.73
N TYR B 335 36.38 -9.39 1.47
CA TYR B 335 36.32 -10.83 1.66
C TYR B 335 35.90 -11.63 0.43
N HIS B 336 35.23 -11.01 -0.53
CA HIS B 336 34.74 -11.72 -1.69
C HIS B 336 35.51 -11.51 -2.96
N ARG B 337 36.42 -10.54 -2.91
CA ARG B 337 37.30 -10.20 -4.00
C ARG B 337 38.14 -11.34 -4.57
N ASP B 338 37.83 -11.73 -5.78
CA ASP B 338 38.56 -12.80 -6.39
C ASP B 338 40.04 -12.48 -6.53
N ASP C 2 -52.75 -29.51 7.31
CA ASP C 2 -51.32 -29.25 7.34
C ASP C 2 -50.53 -30.48 7.77
N PHE C 3 -50.24 -30.56 9.07
CA PHE C 3 -49.49 -31.68 9.65
C PHE C 3 -48.22 -31.99 8.88
N LEU C 4 -47.28 -31.04 8.89
CA LEU C 4 -46.02 -31.21 8.18
C LEU C 4 -45.19 -32.32 8.83
N SER C 5 -45.00 -33.41 8.10
CA SER C 5 -44.23 -34.55 8.59
C SER C 5 -42.73 -34.25 8.52
N GLY C 6 -41.99 -34.78 9.48
CA GLY C 6 -40.55 -34.59 9.53
C GLY C 6 -40.12 -33.77 10.74
N ALA C 7 -38.87 -33.99 11.16
CA ALA C 7 -38.34 -33.29 12.30
C ALA C 7 -37.71 -31.97 11.95
N PHE C 8 -37.85 -31.04 12.84
CA PHE C 8 -37.30 -29.72 12.70
C PHE C 8 -36.28 -29.48 13.78
N HIS C 9 -35.05 -29.23 13.39
CA HIS C 9 -33.90 -29.05 14.28
C HIS C 9 -33.47 -27.60 14.46
N TYR C 10 -34.06 -26.64 13.72
CA TYR C 10 -33.56 -25.27 13.82
C TYR C 10 -34.67 -24.23 13.92
N SER C 11 -35.93 -24.64 14.07
CA SER C 11 -37.05 -23.71 14.01
C SER C 11 -38.16 -24.15 14.97
N ASP C 12 -39.09 -23.23 15.22
CA ASP C 12 -40.25 -23.49 16.07
C ASP C 12 -41.53 -23.05 15.36
N SER C 13 -42.59 -23.85 15.50
CA SER C 13 -43.85 -23.51 14.87
C SER C 13 -44.33 -22.13 15.30
N VAL C 14 -45.01 -21.41 14.40
CA VAL C 14 -45.44 -20.05 14.75
C VAL C 14 -46.75 -19.66 14.06
N ASN C 15 -47.21 -18.43 14.33
CA ASN C 15 -48.53 -17.92 14.02
C ASN C 15 -48.48 -16.41 13.87
N PRO C 16 -49.37 -15.84 13.06
CA PRO C 16 -49.49 -14.36 13.10
C PRO C 16 -49.81 -13.87 14.49
N SER C 17 -50.46 -14.69 15.33
CA SER C 17 -50.84 -14.29 16.68
C SER C 17 -49.64 -13.86 17.52
N LYS C 18 -48.47 -14.47 17.31
CA LYS C 18 -47.32 -14.08 18.10
C LYS C 18 -46.77 -12.72 17.73
N TYR C 19 -47.18 -12.15 16.60
CA TYR C 19 -46.63 -10.89 16.12
C TYR C 19 -47.61 -9.75 16.35
N SER C 20 -47.06 -8.62 16.79
CA SER C 20 -47.76 -7.35 17.03
C SER C 20 -46.77 -6.21 16.83
N PRO C 21 -47.21 -5.20 16.11
CA PRO C 21 -48.62 -5.25 15.75
C PRO C 21 -48.77 -6.07 14.53
N ARG C 22 -49.89 -6.75 14.41
CA ARG C 22 -50.23 -7.64 13.32
C ARG C 22 -50.27 -6.99 11.95
N PRO C 23 -50.11 -7.78 10.92
CA PRO C 23 -50.14 -7.21 9.58
C PRO C 23 -51.54 -6.86 9.07
N SER C 24 -51.60 -5.74 8.38
CA SER C 24 -52.80 -5.20 7.82
C SER C 24 -53.67 -6.11 7.01
N ASP C 25 -53.10 -7.02 6.25
CA ASP C 25 -53.88 -7.81 5.36
C ASP C 25 -53.39 -9.23 5.10
N TYR C 26 -52.81 -9.90 6.08
CA TYR C 26 -52.37 -11.28 5.88
C TYR C 26 -53.51 -12.26 5.75
N PHE C 27 -53.46 -13.08 4.73
CA PHE C 27 -54.48 -14.04 4.53
C PHE C 27 -53.96 -15.37 4.02
N GLY C 28 -52.69 -15.66 4.25
CA GLY C 28 -52.15 -16.95 3.86
C GLY C 28 -52.90 -18.11 4.49
N THR C 29 -52.88 -19.25 3.80
CA THR C 29 -53.46 -20.47 4.34
C THR C 29 -52.42 -21.55 4.58
N LEU C 30 -51.17 -21.27 4.36
CA LEU C 30 -50.14 -22.26 4.64
C LEU C 30 -49.41 -21.93 5.94
N PRO C 31 -48.95 -22.95 6.66
CA PRO C 31 -48.25 -22.70 7.91
C PRO C 31 -46.87 -22.09 7.63
N PHE C 32 -46.20 -21.70 8.71
CA PHE C 32 -44.85 -21.20 8.60
C PHE C 32 -44.21 -21.25 9.96
N ARG C 33 -42.86 -21.28 9.96
CA ARG C 33 -42.03 -21.38 11.14
C ARG C 33 -41.00 -20.26 11.15
N THR C 34 -40.15 -20.26 12.18
CA THR C 34 -39.07 -19.29 12.26
C THR C 34 -37.81 -20.00 12.72
N SER C 35 -36.68 -19.63 12.11
CA SER C 35 -35.39 -20.09 12.59
C SER C 35 -35.06 -19.43 13.93
N ARG C 36 -34.28 -20.14 14.72
CA ARG C 36 -33.76 -19.56 15.94
C ARG C 36 -32.65 -18.58 15.66
N PHE C 37 -32.41 -18.29 14.38
CA PHE C 37 -31.21 -17.57 13.95
C PHE C 37 -31.57 -16.25 13.31
N GLU C 38 -32.72 -15.68 13.73
CA GLU C 38 -33.20 -14.43 13.15
C GLU C 38 -32.22 -13.29 13.33
N ARG C 39 -31.59 -13.19 14.51
CA ARG C 39 -30.77 -12.01 14.76
C ARG C 39 -29.48 -12.05 13.95
N GLU C 40 -28.90 -13.24 13.78
CA GLU C 40 -27.74 -13.37 12.90
C GLU C 40 -28.10 -12.97 11.48
N ALA C 41 -29.26 -13.42 10.99
CA ALA C 41 -29.69 -13.08 9.64
C ALA C 41 -29.86 -11.57 9.47
N ALA C 42 -30.56 -10.93 10.42
CA ALA C 42 -30.73 -9.49 10.40
C ALA C 42 -29.39 -8.76 10.54
N ASP C 43 -28.46 -9.32 11.32
CA ASP C 43 -27.13 -8.70 11.42
C ASP C 43 -26.40 -8.77 10.08
N VAL C 44 -26.60 -9.85 9.33
CA VAL C 44 -25.96 -10.00 8.03
C VAL C 44 -26.61 -9.09 6.99
N THR C 45 -27.94 -8.98 7.01
CA THR C 45 -28.60 -8.06 6.09
C THR C 45 -28.20 -6.61 6.33
N ALA C 46 -27.84 -6.26 7.57
CA ALA C 46 -27.40 -4.89 7.80
C ALA C 46 -25.99 -4.65 7.27
N ASP C 47 -25.11 -5.66 7.28
CA ASP C 47 -23.80 -5.44 6.68
C ASP C 47 -23.86 -5.52 5.16
N TYR C 48 -24.71 -6.39 4.62
CA TYR C 48 -24.75 -6.54 3.16
C TYR C 48 -25.31 -5.30 2.50
N LEU C 49 -26.20 -4.58 3.19
CA LEU C 49 -26.71 -3.33 2.63
C LEU C 49 -25.57 -2.32 2.43
N ARG C 50 -24.80 -2.05 3.49
CA ARG C 50 -23.72 -1.08 3.36
C ARG C 50 -22.80 -1.46 2.20
N LYS C 51 -22.40 -2.74 2.16
CA LYS C 51 -21.77 -3.38 1.01
C LYS C 51 -22.44 -3.00 -0.32
N TRP C 52 -23.64 -3.52 -0.56
CA TRP C 52 -24.35 -3.26 -1.80
C TRP C 52 -24.36 -1.78 -2.16
N GLN C 53 -24.55 -0.91 -1.16
CA GLN C 53 -24.67 0.53 -1.45
C GLN C 53 -23.35 1.11 -1.95
N LYS C 54 -22.22 0.59 -1.47
CA LYS C 54 -20.95 0.94 -2.12
C LYS C 54 -20.98 0.56 -3.60
N ALA C 55 -21.30 -0.70 -3.90
CA ALA C 55 -21.28 -1.15 -5.29
C ALA C 55 -22.22 -0.30 -6.16
N VAL C 56 -23.42 -0.01 -5.67
CA VAL C 56 -24.37 0.74 -6.47
C VAL C 56 -23.84 2.16 -6.75
N LYS C 57 -23.38 2.85 -5.70
CA LYS C 57 -22.79 4.16 -5.91
C LYS C 57 -21.64 4.14 -6.91
N ALA C 58 -20.87 3.05 -6.97
CA ALA C 58 -19.69 3.00 -7.83
C ALA C 58 -20.05 2.87 -9.31
N ASP C 59 -21.19 2.24 -9.61
CA ASP C 59 -21.64 2.12 -10.99
C ASP C 59 -22.34 3.38 -11.45
N ASN C 60 -23.08 4.05 -10.56
CA ASN C 60 -23.82 5.26 -10.88
C ASN C 60 -23.61 6.27 -9.76
N PRO C 61 -22.61 7.15 -9.89
CA PRO C 61 -22.31 8.06 -8.76
C PRO C 61 -23.18 9.31 -8.74
N GLU C 62 -24.02 9.51 -9.76
CA GLU C 62 -24.86 10.68 -9.89
C GLU C 62 -26.26 10.49 -9.32
N ARG C 63 -26.64 9.25 -9.01
CA ARG C 63 -27.94 8.95 -8.40
C ARG C 63 -27.74 8.84 -6.89
N LYS C 64 -28.67 9.43 -6.13
CA LYS C 64 -28.52 9.46 -4.68
C LYS C 64 -29.47 8.53 -3.93
N ASP C 65 -30.70 8.37 -4.39
CA ASP C 65 -31.53 7.34 -3.77
C ASP C 65 -30.76 6.03 -3.76
N LEU C 66 -30.27 5.65 -2.58
CA LEU C 66 -29.74 4.31 -2.39
C LEU C 66 -30.60 3.61 -1.33
N VAL C 67 -31.92 3.73 -1.42
CA VAL C 67 -32.83 3.08 -0.47
C VAL C 67 -33.23 1.72 -1.02
N PHE C 68 -32.90 0.66 -0.28
CA PHE C 68 -33.22 -0.69 -0.70
C PHE C 68 -33.87 -1.42 0.47
N HIS C 69 -34.97 -2.12 0.18
CA HIS C 69 -35.73 -2.87 1.18
C HIS C 69 -35.50 -4.37 0.95
N GLY C 70 -34.97 -5.05 1.96
CA GLY C 70 -34.60 -6.44 1.83
C GLY C 70 -35.23 -7.35 2.87
N SER C 71 -34.41 -8.17 3.53
CA SER C 71 -34.99 -9.24 4.33
C SER C 71 -35.50 -8.78 5.68
N THR C 72 -34.87 -7.79 6.30
CA THR C 72 -35.28 -7.39 7.64
C THR C 72 -36.55 -6.55 7.60
N THR C 73 -37.51 -6.89 8.47
CA THR C 73 -38.72 -6.13 8.71
C THR C 73 -38.86 -5.86 10.20
N THR C 74 -39.96 -5.22 10.57
CA THR C 74 -40.20 -4.91 11.97
C THR C 74 -40.65 -6.11 12.81
N LEU C 75 -41.06 -7.21 12.20
CA LEU C 75 -41.40 -8.40 12.96
C LEU C 75 -40.37 -9.52 12.89
N GLY C 76 -39.61 -9.60 11.79
CA GLY C 76 -38.67 -10.68 11.60
C GLY C 76 -37.77 -10.51 10.38
N HIS C 77 -37.55 -11.59 9.62
CA HIS C 77 -36.54 -11.63 8.58
C HIS C 77 -36.96 -12.59 7.49
N PHE C 78 -36.70 -12.21 6.23
CA PHE C 78 -37.07 -13.05 5.10
C PHE C 78 -36.53 -14.48 5.24
N VAL C 79 -35.22 -14.61 5.51
CA VAL C 79 -34.59 -15.92 5.60
C VAL C 79 -35.19 -16.76 6.74
N SER C 80 -35.39 -16.17 7.92
CA SER C 80 -35.82 -16.96 9.06
C SER C 80 -37.18 -17.59 8.81
N TRP C 81 -38.04 -16.88 8.08
CA TRP C 81 -39.35 -17.41 7.70
C TRP C 81 -39.29 -18.19 6.39
N ALA C 82 -38.49 -17.73 5.44
CA ALA C 82 -38.51 -18.39 4.14
C ALA C 82 -37.95 -19.79 4.27
N TYR C 83 -36.79 -19.90 4.91
CA TYR C 83 -36.05 -21.16 5.07
C TYR C 83 -35.84 -21.40 6.55
N PRO C 84 -36.90 -21.78 7.27
CA PRO C 84 -36.74 -21.97 8.72
C PRO C 84 -35.75 -23.06 9.08
N GLU C 85 -35.67 -24.14 8.29
CA GLU C 85 -34.72 -25.21 8.57
C GLU C 85 -33.33 -24.97 7.95
N CYS C 86 -32.98 -23.73 7.62
CA CYS C 86 -31.65 -23.47 7.10
C CYS C 86 -30.63 -23.88 8.14
N ILE C 87 -29.48 -24.38 7.67
CA ILE C 87 -28.40 -24.86 8.52
C ILE C 87 -27.69 -23.66 9.15
N PRO C 88 -27.41 -23.66 10.45
CA PRO C 88 -26.93 -22.44 11.10
C PRO C 88 -25.76 -21.79 10.39
N ASP C 89 -24.75 -22.57 9.99
CA ASP C 89 -23.59 -21.98 9.32
C ASP C 89 -23.84 -21.66 7.86
N ARG C 90 -25.01 -22.02 7.34
CA ARG C 90 -25.42 -21.57 6.03
C ARG C 90 -26.37 -20.37 6.09
N VAL C 91 -26.81 -19.95 7.28
CA VAL C 91 -27.70 -18.78 7.37
C VAL C 91 -27.06 -17.58 6.72
N ASP C 92 -25.79 -17.33 7.04
CA ASP C 92 -25.10 -16.15 6.55
C ASP C 92 -25.15 -16.07 5.04
N LEU C 93 -24.56 -17.08 4.38
CA LEU C 93 -24.55 -17.08 2.92
C LEU C 93 -25.96 -17.06 2.36
N CYS C 94 -26.89 -17.77 3.00
CA CYS C 94 -28.27 -17.68 2.55
C CYS C 94 -28.78 -16.23 2.56
N THR C 95 -28.49 -15.49 3.62
CA THR C 95 -29.00 -14.13 3.66
C THR C 95 -28.44 -13.30 2.51
N GLN C 96 -27.15 -13.48 2.22
CA GLN C 96 -26.54 -12.70 1.14
C GLN C 96 -27.22 -12.98 -0.18
N ILE C 97 -27.49 -14.25 -0.49
CA ILE C 97 -28.13 -14.61 -1.76
C ILE C 97 -29.47 -13.90 -1.88
N CYS C 98 -30.35 -14.12 -0.90
CA CYS C 98 -31.67 -13.50 -0.90
C CYS C 98 -31.57 -11.99 -1.05
N ASP C 99 -30.77 -11.35 -0.20
CA ASP C 99 -30.72 -9.89 -0.25
C ASP C 99 -30.19 -9.42 -1.60
N PHE C 100 -29.06 -9.96 -2.03
CA PHE C 100 -28.55 -9.63 -3.36
C PHE C 100 -29.65 -9.83 -4.39
N GLY C 101 -30.39 -10.93 -4.30
CA GLY C 101 -31.50 -11.13 -5.21
C GLY C 101 -32.47 -9.98 -5.18
N PHE C 102 -32.79 -9.50 -3.98
CA PHE C 102 -33.70 -8.38 -3.84
C PHE C 102 -33.12 -7.13 -4.50
N TYR C 103 -31.92 -6.74 -4.07
CA TYR C 103 -31.33 -5.52 -4.60
C TYR C 103 -31.12 -5.63 -6.10
N TRP C 104 -30.55 -6.75 -6.56
CA TRP C 104 -30.33 -6.90 -8.00
C TRP C 104 -31.64 -6.75 -8.76
N ASP C 105 -32.69 -7.45 -8.33
CA ASP C 105 -34.01 -7.22 -8.90
C ASP C 105 -34.31 -5.72 -8.98
N ASP C 106 -34.01 -5.00 -7.90
CA ASP C 106 -34.48 -3.61 -7.79
C ASP C 106 -33.86 -2.72 -8.87
N VAL C 107 -32.61 -2.95 -9.23
CA VAL C 107 -31.93 -2.12 -10.22
C VAL C 107 -31.93 -2.79 -11.61
N THR C 108 -32.82 -3.75 -11.83
CA THR C 108 -32.88 -4.35 -13.16
C THR C 108 -34.29 -4.51 -13.73
N ASP C 109 -35.35 -4.55 -12.91
CA ASP C 109 -36.70 -4.76 -13.43
C ASP C 109 -37.51 -3.46 -13.59
N SER C 110 -36.86 -2.29 -13.43
CA SER C 110 -37.49 -0.99 -13.66
C SER C 110 -36.81 -0.15 -14.73
N VAL C 111 -35.68 -0.61 -15.29
CA VAL C 111 -34.93 0.15 -16.29
C VAL C 111 -35.41 -0.26 -17.68
N ASN C 112 -34.88 0.37 -18.72
CA ASN C 112 -35.28 0.01 -20.08
C ASN C 112 -34.56 -1.26 -20.49
N VAL C 113 -35.27 -2.14 -21.20
CA VAL C 113 -34.79 -3.48 -21.52
C VAL C 113 -33.34 -3.45 -22.00
N GLN C 114 -32.90 -2.29 -22.47
CA GLN C 114 -31.52 -2.16 -22.91
C GLN C 114 -30.56 -2.07 -21.73
N GLU C 115 -30.86 -1.20 -20.76
CA GLU C 115 -30.05 -1.19 -19.55
C GLU C 115 -30.14 -2.53 -18.84
N ASN C 116 -31.28 -3.20 -18.90
CA ASN C 116 -31.41 -4.52 -18.28
C ASN C 116 -30.52 -5.55 -18.97
N ALA C 117 -30.53 -5.59 -20.30
CA ALA C 117 -29.72 -6.56 -21.01
C ALA C 117 -28.25 -6.41 -20.63
N GLU C 118 -27.76 -5.17 -20.64
CA GLU C 118 -26.37 -4.89 -20.27
C GLU C 118 -26.01 -5.54 -18.94
N ILE C 119 -26.84 -5.33 -17.92
CA ILE C 119 -26.56 -5.83 -16.57
C ILE C 119 -26.80 -7.33 -16.48
N THR C 120 -27.88 -7.82 -17.06
CA THR C 120 -28.15 -9.25 -17.02
C THR C 120 -26.98 -10.03 -17.61
N GLN C 121 -26.41 -9.56 -18.71
CA GLN C 121 -25.24 -10.23 -19.29
C GLN C 121 -24.09 -10.22 -18.30
N ASP C 122 -23.81 -9.05 -17.72
CA ASP C 122 -22.64 -8.92 -16.85
C ASP C 122 -22.72 -9.89 -15.68
N LEU C 123 -23.93 -10.18 -15.17
CA LEU C 123 -24.05 -11.15 -14.08
C LEU C 123 -23.76 -12.56 -14.57
N ALA C 124 -24.43 -12.97 -15.67
CA ALA C 124 -24.28 -14.32 -16.19
C ALA C 124 -22.82 -14.72 -16.38
N LEU C 125 -21.95 -13.73 -16.62
CA LEU C 125 -20.52 -13.99 -16.70
C LEU C 125 -20.02 -14.67 -15.42
N ALA C 126 -20.33 -14.08 -14.26
CA ALA C 126 -19.92 -14.69 -13.01
C ALA C 126 -20.48 -16.11 -12.89
N LEU C 127 -21.78 -16.28 -13.10
CA LEU C 127 -22.38 -17.58 -12.79
C LEU C 127 -21.84 -18.65 -13.72
N LEU C 128 -21.74 -18.34 -15.02
CA LEU C 128 -21.16 -19.29 -15.96
C LEU C 128 -19.72 -19.61 -15.61
N SER C 129 -19.03 -18.69 -14.95
CA SER C 129 -17.65 -18.92 -14.55
C SER C 129 -17.49 -20.11 -13.61
N GLU C 130 -18.52 -20.49 -12.87
CA GLU C 130 -18.39 -21.58 -11.92
C GLU C 130 -19.03 -22.87 -12.42
N LEU C 131 -19.63 -22.84 -13.61
CA LEU C 131 -20.23 -24.02 -14.22
C LEU C 131 -19.37 -24.67 -15.29
N THR C 132 -18.47 -23.91 -15.91
CA THR C 132 -17.56 -24.41 -16.94
C THR C 132 -16.17 -24.64 -16.39
N LEU C 133 -15.41 -25.45 -17.14
CA LEU C 133 -14.04 -25.76 -16.81
C LEU C 133 -13.08 -24.68 -17.28
N GLY C 134 -13.55 -23.67 -17.98
CA GLY C 134 -12.65 -22.67 -18.54
C GLY C 134 -11.93 -21.83 -17.50
N GLN C 135 -11.50 -20.63 -17.89
CA GLN C 135 -11.01 -19.63 -16.95
C GLN C 135 -12.10 -18.62 -16.65
N ARG C 136 -11.95 -17.92 -15.52
CA ARG C 136 -12.99 -17.01 -15.05
C ARG C 136 -13.10 -15.82 -15.97
N LEU C 137 -14.30 -15.27 -16.04
CA LEU C 137 -14.56 -13.98 -16.67
C LEU C 137 -15.16 -13.07 -15.62
N GLU C 138 -14.47 -11.96 -15.32
CA GLU C 138 -14.91 -11.03 -14.29
C GLU C 138 -16.01 -10.11 -14.83
N PRO C 139 -17.04 -9.85 -14.02
CA PRO C 139 -18.03 -8.83 -14.40
C PRO C 139 -17.51 -7.41 -14.21
N LYS C 140 -18.07 -6.49 -15.01
CA LYS C 140 -17.60 -5.12 -15.05
C LYS C 140 -18.34 -4.19 -14.08
N LEU C 141 -19.57 -4.53 -13.70
CA LEU C 141 -20.37 -3.68 -12.81
C LEU C 141 -20.08 -4.07 -11.37
N GLU C 142 -19.84 -3.07 -10.52
CA GLU C 142 -19.55 -3.39 -9.12
C GLU C 142 -20.68 -4.17 -8.48
N ILE C 143 -21.90 -4.02 -9.00
CA ILE C 143 -23.03 -4.73 -8.41
C ILE C 143 -22.98 -6.20 -8.74
N ASN C 144 -22.25 -6.58 -9.79
CA ASN C 144 -22.09 -8.00 -10.09
C ASN C 144 -20.76 -8.57 -9.60
N LYS C 145 -19.70 -7.75 -9.58
CA LYS C 145 -18.45 -8.20 -8.99
C LYS C 145 -18.67 -8.80 -7.62
N ILE C 146 -19.42 -8.08 -6.79
CA ILE C 146 -19.78 -8.47 -5.44
C ILE C 146 -20.12 -9.96 -5.36
N VAL C 147 -20.77 -10.49 -6.41
CA VAL C 147 -21.36 -11.82 -6.35
C VAL C 147 -20.33 -12.93 -6.38
N VAL C 148 -19.12 -12.65 -6.84
CA VAL C 148 -18.15 -13.71 -7.08
C VAL C 148 -17.77 -14.38 -5.77
N GLN C 149 -17.24 -13.60 -4.82
CA GLN C 149 -16.86 -14.12 -3.52
C GLN C 149 -18.00 -14.90 -2.87
N MET C 150 -19.23 -14.53 -3.16
CA MET C 150 -20.37 -15.23 -2.58
C MET C 150 -20.54 -16.61 -3.19
N LEU C 151 -20.37 -16.73 -4.51
CA LEU C 151 -20.51 -18.03 -5.13
C LEU C 151 -19.47 -19.01 -4.60
N TRP C 152 -18.24 -18.55 -4.32
CA TRP C 152 -17.24 -19.44 -3.73
C TRP C 152 -17.70 -19.93 -2.35
N GLY C 153 -18.22 -19.01 -1.52
CA GLY C 153 -18.72 -19.42 -0.22
C GLY C 153 -19.75 -20.51 -0.31
N VAL C 154 -20.75 -20.33 -1.18
CA VAL C 154 -21.80 -21.32 -1.30
C VAL C 154 -21.21 -22.68 -1.71
N LEU C 155 -20.36 -22.68 -2.74
CA LEU C 155 -19.80 -23.92 -3.26
C LEU C 155 -18.91 -24.61 -2.23
N ASP C 156 -18.25 -23.87 -1.36
CA ASP C 156 -17.43 -24.46 -0.33
C ASP C 156 -18.24 -25.08 0.80
N LYS C 157 -19.53 -24.84 0.82
CA LYS C 157 -20.34 -25.45 1.83
C LYS C 157 -20.89 -26.75 1.37
N ASP C 158 -21.35 -26.77 0.15
CA ASP C 158 -21.94 -27.91 -0.54
C ASP C 158 -21.77 -27.57 -1.98
N ARG C 159 -20.90 -28.24 -2.67
CA ARG C 159 -20.70 -27.94 -4.07
C ARG C 159 -21.78 -28.51 -4.97
N LYS C 160 -22.23 -29.67 -4.65
CA LYS C 160 -23.22 -30.28 -5.45
C LYS C 160 -24.48 -29.47 -5.34
N SER C 161 -24.76 -29.03 -4.15
CA SER C 161 -25.98 -28.26 -4.00
C SER C 161 -25.86 -26.88 -4.64
N GLY C 162 -24.71 -26.22 -4.43
CA GLY C 162 -24.53 -24.87 -4.93
C GLY C 162 -24.42 -24.80 -6.44
N LEU C 163 -23.87 -25.85 -7.06
CA LEU C 163 -23.74 -25.81 -8.51
C LEU C 163 -25.12 -25.77 -9.15
N GLU C 164 -26.08 -26.47 -8.54
CA GLU C 164 -27.41 -26.63 -9.11
C GLU C 164 -28.26 -25.42 -8.83
N MET C 165 -28.07 -24.82 -7.66
CA MET C 165 -28.74 -23.56 -7.37
C MET C 165 -28.25 -22.48 -8.33
N ILE C 166 -26.93 -22.39 -8.52
CA ILE C 166 -26.37 -21.49 -9.52
C ILE C 166 -26.96 -21.77 -10.89
N LYS C 167 -27.19 -23.04 -11.22
CA LYS C 167 -27.83 -23.33 -12.51
C LYS C 167 -29.17 -22.62 -12.63
N PHE C 168 -30.09 -22.88 -11.66
CA PHE C 168 -31.43 -22.30 -11.73
C PHE C 168 -31.42 -20.79 -11.51
N TRP C 169 -30.35 -20.27 -10.92
CA TRP C 169 -30.20 -18.82 -10.90
C TRP C 169 -30.02 -18.28 -12.32
N LYS C 170 -29.17 -18.94 -13.11
CA LYS C 170 -28.97 -18.53 -14.49
C LYS C 170 -30.27 -18.72 -15.29
N GLY C 171 -31.10 -19.67 -14.89
CA GLY C 171 -32.44 -19.77 -15.46
C GLY C 171 -33.32 -18.57 -15.12
N HIS C 172 -33.27 -18.10 -13.88
CA HIS C 172 -33.99 -16.89 -13.53
C HIS C 172 -33.54 -15.73 -14.40
N LEU C 173 -32.25 -15.62 -14.62
CA LEU C 173 -31.74 -14.51 -15.41
C LEU C 173 -32.40 -14.50 -16.78
N ASP C 174 -32.45 -15.67 -17.43
CA ASP C 174 -33.11 -15.76 -18.72
C ASP C 174 -34.56 -15.35 -18.61
N GLY C 175 -35.24 -15.74 -17.53
CA GLY C 175 -36.66 -15.45 -17.40
C GLY C 175 -36.97 -13.97 -17.35
N GLN C 176 -36.16 -13.21 -16.61
CA GLN C 176 -36.42 -11.79 -16.46
C GLN C 176 -35.85 -10.96 -17.61
N ALA C 177 -35.07 -11.56 -18.51
CA ALA C 177 -34.59 -10.87 -19.71
C ALA C 177 -35.62 -10.84 -20.83
N GLU C 178 -36.68 -11.67 -20.73
CA GLU C 178 -37.77 -11.66 -21.69
C GLU C 178 -38.90 -10.70 -21.30
N SER C 179 -38.80 -10.04 -20.14
CA SER C 179 -39.87 -9.22 -19.58
C SER C 179 -39.89 -7.83 -20.24
N ALA C 180 -40.19 -7.85 -21.54
CA ALA C 180 -40.12 -6.64 -22.36
C ALA C 180 -41.47 -6.08 -22.75
N HIS C 181 -42.56 -6.83 -22.60
CA HIS C 181 -43.88 -6.36 -22.94
C HIS C 181 -44.83 -6.78 -21.82
N ASN C 182 -46.10 -6.41 -21.95
CA ASN C 182 -47.12 -6.82 -21.00
C ASN C 182 -48.49 -6.81 -21.65
N MET C 184 -50.21 -9.15 -23.29
CA MET C 184 -50.39 -10.50 -22.74
C MET C 184 -51.79 -10.76 -22.17
N SER C 185 -52.22 -12.01 -22.29
CA SER C 185 -53.45 -12.52 -21.69
C SER C 185 -53.23 -12.80 -20.20
N PHE C 186 -54.21 -13.37 -19.50
CA PHE C 186 -53.93 -13.84 -18.15
C PHE C 186 -53.16 -15.15 -18.16
N GLU C 187 -53.67 -16.15 -18.89
CA GLU C 187 -52.98 -17.44 -18.97
C GLU C 187 -51.58 -17.30 -19.56
N GLU C 188 -51.38 -16.39 -20.51
CA GLU C 188 -50.03 -16.14 -21.00
C GLU C 188 -49.18 -15.40 -19.96
N TYR C 189 -49.82 -14.72 -19.02
CA TYR C 189 -49.07 -14.05 -17.97
C TYR C 189 -48.67 -15.03 -16.87
N THR C 190 -49.60 -15.86 -16.41
CA THR C 190 -49.21 -16.85 -15.40
C THR C 190 -48.00 -17.66 -15.85
N LYS C 191 -47.89 -17.94 -17.15
CA LYS C 191 -46.75 -18.71 -17.63
C LYS C 191 -45.47 -17.89 -17.64
N HIS C 192 -45.58 -16.60 -18.01
CA HIS C 192 -44.40 -15.74 -18.05
C HIS C 192 -43.91 -15.43 -16.65
N ARG C 193 -44.83 -15.25 -15.71
CA ARG C 193 -44.46 -14.80 -14.37
C ARG C 193 -43.76 -15.89 -13.57
N LEU C 194 -44.13 -17.16 -13.76
CA LEU C 194 -43.41 -18.22 -13.05
C LEU C 194 -41.96 -18.33 -13.52
N SER C 195 -41.68 -17.97 -14.78
CA SER C 195 -40.30 -17.98 -15.26
C SER C 195 -39.50 -16.77 -14.81
N GLU C 196 -40.18 -15.70 -14.39
CA GLU C 196 -39.55 -14.40 -14.10
C GLU C 196 -39.44 -14.09 -12.60
N VAL C 197 -40.28 -14.73 -11.76
CA VAL C 197 -40.36 -14.45 -10.33
C VAL C 197 -39.12 -14.94 -9.59
N GLY C 198 -38.47 -15.99 -10.08
CA GLY C 198 -37.39 -16.61 -9.35
C GLY C 198 -37.85 -17.68 -8.40
N ALA C 199 -38.97 -18.34 -8.69
CA ALA C 199 -39.40 -19.40 -7.79
C ALA C 199 -38.53 -20.64 -7.93
N ARG C 200 -38.21 -21.02 -9.17
CA ARG C 200 -37.37 -22.20 -9.37
C ARG C 200 -36.01 -22.01 -8.70
N TRP C 201 -35.44 -20.80 -8.81
CA TRP C 201 -34.19 -20.50 -8.13
C TRP C 201 -34.39 -20.43 -6.63
N ALA C 202 -35.53 -19.89 -6.19
CA ALA C 202 -35.85 -19.86 -4.77
C ALA C 202 -35.84 -21.27 -4.17
N VAL C 203 -36.42 -22.25 -4.87
CA VAL C 203 -36.46 -23.61 -4.33
C VAL C 203 -35.06 -24.18 -4.19
N GLU C 204 -34.21 -23.97 -5.18
CA GLU C 204 -32.87 -24.50 -5.11
C GLU C 204 -32.01 -23.77 -4.08
N VAL C 205 -32.29 -22.50 -3.80
CA VAL C 205 -31.63 -21.87 -2.65
C VAL C 205 -32.04 -22.58 -1.37
N GLY C 206 -33.29 -23.08 -1.31
CA GLY C 206 -33.68 -23.89 -0.17
C GLY C 206 -32.91 -25.20 -0.11
N CYS C 207 -32.82 -25.89 -1.25
CA CYS C 207 -32.04 -27.12 -1.31
C CYS C 207 -30.64 -26.93 -0.72
N TRP C 208 -29.91 -25.93 -1.23
CA TRP C 208 -28.57 -25.69 -0.70
C TRP C 208 -28.62 -25.26 0.76
N SER C 209 -29.61 -24.43 1.13
CA SER C 209 -29.75 -23.99 2.50
C SER C 209 -29.97 -25.17 3.43
N LEU C 210 -30.89 -26.06 3.07
CA LEU C 210 -31.30 -27.14 3.96
C LEU C 210 -30.37 -28.34 3.88
N GLY C 211 -29.47 -28.37 2.90
CA GLY C 211 -28.74 -29.57 2.59
C GLY C 211 -29.64 -30.70 2.14
N ILE C 212 -30.29 -30.55 0.98
CA ILE C 212 -31.11 -31.59 0.38
C ILE C 212 -30.42 -32.06 -0.91
N ASN C 213 -30.15 -33.35 -0.97
CA ASN C 213 -29.54 -34.00 -2.13
C ASN C 213 -30.60 -34.92 -2.73
N LEU C 214 -30.91 -34.72 -4.00
CA LEU C 214 -32.09 -35.35 -4.56
C LEU C 214 -32.12 -35.21 -6.07
N SER C 215 -32.17 -36.34 -6.77
CA SER C 215 -32.16 -36.34 -8.23
C SER C 215 -33.15 -35.33 -8.77
N ARG C 216 -32.78 -34.69 -9.89
CA ARG C 216 -33.72 -33.80 -10.55
C ARG C 216 -34.98 -34.55 -10.99
N GLU C 217 -34.84 -35.85 -11.29
CA GLU C 217 -36.01 -36.68 -11.54
C GLU C 217 -36.99 -36.59 -10.38
N LYS C 218 -36.55 -36.94 -9.17
CA LYS C 218 -37.47 -36.99 -8.06
C LYS C 218 -38.14 -35.64 -7.82
N LYS C 219 -37.39 -34.54 -7.92
CA LYS C 219 -37.99 -33.23 -7.77
C LYS C 219 -39.06 -32.97 -8.84
N ASP C 220 -38.83 -33.41 -10.08
CA ASP C 220 -39.82 -33.23 -11.14
C ASP C 220 -41.04 -34.12 -10.92
N SER C 221 -40.84 -35.32 -10.38
CA SER C 221 -41.90 -36.24 -10.01
C SER C 221 -42.94 -35.65 -9.08
N VAL C 222 -42.71 -34.47 -8.49
CA VAL C 222 -43.69 -33.83 -7.64
C VAL C 222 -44.04 -32.42 -8.13
N ALA C 223 -43.53 -32.03 -9.31
CA ALA C 223 -43.71 -30.64 -9.75
C ALA C 223 -45.17 -30.31 -10.00
N HIS C 224 -45.92 -31.24 -10.58
CA HIS C 224 -47.25 -30.92 -11.10
C HIS C 224 -48.06 -30.13 -10.09
N PHE C 225 -47.97 -30.49 -8.81
CA PHE C 225 -48.67 -29.74 -7.76
C PHE C 225 -47.77 -28.74 -7.07
N VAL C 226 -46.48 -29.03 -6.92
CA VAL C 226 -45.59 -28.05 -6.31
C VAL C 226 -45.58 -26.78 -7.14
N ASN C 227 -45.70 -26.91 -8.46
CA ASN C 227 -45.73 -25.72 -9.28
C ASN C 227 -46.99 -24.90 -9.04
N LYS C 228 -48.12 -25.54 -8.76
CA LYS C 228 -49.31 -24.79 -8.35
C LYS C 228 -49.03 -23.98 -7.09
N GLY C 229 -48.39 -24.62 -6.10
CA GLY C 229 -47.97 -23.87 -4.92
C GLY C 229 -47.09 -22.70 -5.26
N LEU C 230 -46.10 -22.92 -6.16
CA LEU C 230 -45.18 -21.86 -6.55
C LEU C 230 -45.89 -20.75 -7.34
N LEU C 231 -46.85 -21.13 -8.20
CA LEU C 231 -47.70 -20.13 -8.84
C LEU C 231 -48.38 -19.26 -7.79
N ALA C 232 -48.90 -19.89 -6.73
CA ALA C 232 -49.57 -19.14 -5.66
C ALA C 232 -48.68 -18.04 -5.11
N ALA C 233 -47.42 -18.37 -4.82
CA ALA C 233 -46.52 -17.37 -4.23
C ALA C 233 -46.29 -16.19 -5.17
N ALA C 234 -46.31 -16.43 -6.48
CA ALA C 234 -46.08 -15.34 -7.42
C ALA C 234 -47.25 -14.38 -7.43
N LEU C 235 -48.46 -14.91 -7.67
CA LEU C 235 -49.68 -14.09 -7.56
C LEU C 235 -49.76 -13.41 -6.22
N MET C 236 -49.30 -14.11 -5.16
CA MET C 236 -49.18 -13.49 -3.84
C MET C 236 -48.24 -12.29 -3.89
N ASN C 237 -47.06 -12.45 -4.51
CA ASN C 237 -46.14 -11.32 -4.60
C ASN C 237 -46.74 -10.17 -5.38
N ASP C 238 -47.46 -10.48 -6.46
CA ASP C 238 -48.10 -9.44 -7.27
C ASP C 238 -49.10 -8.64 -6.42
N TYR C 239 -49.91 -9.33 -5.61
CA TYR C 239 -50.88 -8.65 -4.76
C TYR C 239 -50.21 -7.65 -3.80
N TYR C 240 -49.08 -8.04 -3.19
CA TYR C 240 -48.47 -7.19 -2.17
C TYR C 240 -47.49 -6.18 -2.74
N SER C 241 -46.91 -6.45 -3.90
CA SER C 241 -45.90 -5.56 -4.45
C SER C 241 -46.44 -4.69 -5.57
N PHE C 242 -47.77 -4.65 -5.74
CA PHE C 242 -48.34 -3.93 -6.88
C PHE C 242 -48.26 -2.43 -6.69
N ASN C 243 -48.63 -1.93 -5.51
CA ASN C 243 -48.59 -0.49 -5.28
C ASN C 243 -47.20 0.06 -5.54
N LYS C 244 -46.19 -0.49 -4.88
CA LYS C 244 -44.84 0.04 -5.03
C LYS C 244 -44.33 -0.14 -6.45
N GLU C 245 -44.82 -1.16 -7.15
CA GLU C 245 -44.35 -1.42 -8.50
C GLU C 245 -44.93 -0.41 -9.48
N PHE C 246 -46.19 -0.03 -9.27
CA PHE C 246 -46.81 1.05 -10.02
C PHE C 246 -45.94 2.30 -9.90
N ASP C 247 -45.88 2.84 -8.68
CA ASP C 247 -45.10 4.04 -8.42
C ASP C 247 -43.78 4.02 -9.19
N GLU C 248 -43.09 2.88 -9.15
CA GLU C 248 -41.74 2.78 -9.71
C GLU C 248 -41.77 2.84 -11.23
N HIS C 249 -42.60 2.01 -11.86
CA HIS C 249 -42.67 2.01 -13.33
C HIS C 249 -43.27 3.30 -13.88
N GLN C 250 -44.20 3.91 -13.14
CA GLN C 250 -44.61 5.28 -13.46
C GLN C 250 -43.43 6.23 -13.28
N ARG C 251 -42.77 6.17 -12.11
CA ARG C 251 -41.66 7.07 -11.80
C ARG C 251 -40.49 6.91 -12.77
N ALA C 252 -40.39 5.78 -13.47
CA ALA C 252 -39.26 5.50 -14.34
C ALA C 252 -39.60 5.51 -15.83
N GLY C 253 -40.88 5.48 -16.20
CA GLY C 253 -41.25 5.32 -17.59
C GLY C 253 -41.02 3.92 -18.12
N SER C 254 -41.37 2.91 -17.34
CA SER C 254 -41.25 1.52 -17.76
C SER C 254 -42.57 0.77 -17.62
N MET C 255 -43.68 1.45 -17.42
CA MET C 255 -44.95 0.74 -17.27
C MET C 255 -45.17 -0.28 -18.34
N ASP C 256 -44.49 -0.06 -19.42
CA ASP C 256 -44.45 -0.87 -20.60
C ASP C 256 -44.16 -2.27 -20.11
N ARG C 257 -43.04 -2.46 -19.44
CA ARG C 257 -42.72 -3.73 -18.88
C ARG C 257 -43.04 -3.69 -17.42
N LEU C 258 -44.22 -4.11 -17.05
CA LEU C 258 -44.54 -4.16 -15.68
C LEU C 258 -45.20 -5.50 -15.53
N GLN C 259 -44.62 -6.29 -14.66
CA GLN C 259 -45.13 -7.64 -14.42
C GLN C 259 -45.88 -7.68 -13.07
N ASN C 260 -47.20 -7.89 -13.14
CA ASN C 260 -48.08 -8.01 -11.99
C ASN C 260 -49.50 -8.35 -12.43
N GLY C 261 -50.10 -9.37 -11.81
CA GLY C 261 -51.42 -9.83 -12.19
C GLY C 261 -52.55 -8.86 -11.92
N LEU C 262 -52.28 -7.84 -11.13
CA LEU C 262 -53.24 -6.80 -10.88
C LEU C 262 -53.21 -5.95 -12.10
N GLY C 263 -52.03 -5.70 -12.63
CA GLY C 263 -51.91 -4.91 -13.83
C GLY C 263 -52.66 -5.61 -14.93
N ILE C 264 -52.41 -6.88 -15.15
CA ILE C 264 -53.12 -7.60 -16.17
C ILE C 264 -54.62 -7.58 -15.93
N LEU C 265 -55.07 -8.05 -14.80
CA LEU C 265 -56.50 -8.01 -14.50
C LEU C 265 -57.19 -6.64 -14.59
N MET C 266 -56.51 -5.54 -14.27
CA MET C 266 -57.08 -4.21 -14.32
C MET C 266 -56.94 -3.53 -15.66
N ARG C 267 -56.09 -4.03 -16.54
CA ARG C 267 -55.95 -3.36 -17.79
C ARG C 267 -56.67 -4.04 -18.91
N GLU C 268 -56.30 -5.27 -19.27
CA GLU C 268 -56.96 -5.99 -20.34
C GLU C 268 -58.39 -6.13 -19.99
N TYR C 269 -58.59 -6.84 -18.93
CA TYR C 269 -59.91 -7.00 -18.46
C TYR C 269 -60.21 -5.72 -17.71
N GLY C 270 -61.44 -5.27 -17.72
CA GLY C 270 -61.73 -3.98 -17.15
C GLY C 270 -61.96 -3.82 -15.69
N TYR C 271 -61.57 -4.82 -14.94
CA TYR C 271 -61.76 -4.84 -13.52
C TYR C 271 -61.21 -3.67 -12.75
N THR C 272 -61.62 -3.58 -11.51
CA THR C 272 -61.15 -2.55 -10.63
C THR C 272 -60.03 -3.12 -9.78
N GLU C 273 -59.43 -2.26 -8.96
CA GLU C 273 -58.36 -2.71 -8.08
C GLU C 273 -58.89 -3.76 -7.11
N THR C 274 -60.06 -3.48 -6.56
CA THR C 274 -60.73 -4.34 -5.65
C THR C 274 -61.17 -5.55 -6.37
N GLU C 275 -61.67 -5.37 -7.57
CA GLU C 275 -62.10 -6.53 -8.35
C GLU C 275 -60.92 -7.47 -8.62
N ALA C 276 -59.85 -6.94 -9.23
CA ALA C 276 -58.69 -7.75 -9.54
C ALA C 276 -58.07 -8.33 -8.28
N ARG C 277 -58.02 -7.54 -7.20
CA ARG C 277 -57.54 -8.07 -5.93
C ARG C 277 -58.34 -9.28 -5.50
N SER C 278 -59.67 -9.18 -5.57
CA SER C 278 -60.52 -10.30 -5.17
C SER C 278 -60.24 -11.54 -6.02
N ILE C 279 -60.07 -11.35 -7.33
CA ILE C 279 -59.77 -12.50 -8.19
C ILE C 279 -58.45 -13.13 -7.79
N LEU C 280 -57.47 -12.28 -7.42
CA LEU C 280 -56.13 -12.77 -7.08
C LEU C 280 -56.15 -13.55 -5.78
N ARG C 281 -56.74 -12.98 -4.73
CA ARG C 281 -56.86 -13.67 -3.45
C ARG C 281 -57.35 -15.11 -3.62
N GLU C 282 -58.12 -15.38 -4.68
CA GLU C 282 -58.72 -16.71 -4.82
C GLU C 282 -57.85 -17.65 -5.64
N GLU C 283 -57.15 -17.14 -6.65
CA GLU C 283 -56.14 -17.96 -7.30
C GLU C 283 -55.08 -18.38 -6.29
N ILE C 284 -54.71 -17.48 -5.38
CA ILE C 284 -53.71 -17.79 -4.37
C ILE C 284 -54.18 -18.92 -3.46
N ARG C 285 -55.44 -18.84 -3.02
CA ARG C 285 -56.04 -19.95 -2.28
C ARG C 285 -55.93 -21.25 -3.06
N LYS C 286 -56.45 -21.25 -4.29
CA LYS C 286 -56.43 -22.47 -5.10
C LYS C 286 -55.05 -23.09 -5.11
N GLY C 287 -54.03 -22.27 -5.39
CA GLY C 287 -52.68 -22.79 -5.49
C GLY C 287 -52.15 -23.30 -4.16
N GLU C 288 -52.31 -22.49 -3.11
CA GLU C 288 -51.92 -22.93 -1.77
C GLU C 288 -52.55 -24.28 -1.47
N ARG C 289 -53.81 -24.46 -1.87
CA ARG C 289 -54.52 -25.70 -1.55
C ARG C 289 -54.04 -26.87 -2.39
N ALA C 290 -53.55 -26.61 -3.62
CA ALA C 290 -53.17 -27.74 -4.47
C ALA C 290 -51.82 -28.32 -4.05
N ILE C 291 -50.88 -27.47 -3.63
CA ILE C 291 -49.57 -27.98 -3.22
C ILE C 291 -49.70 -28.68 -1.87
N MET C 292 -50.48 -28.11 -0.96
CA MET C 292 -50.77 -28.81 0.29
C MET C 292 -51.44 -30.14 0.03
N ASP C 293 -52.45 -30.17 -0.85
CA ASP C 293 -53.16 -31.41 -1.11
C ASP C 293 -52.27 -32.40 -1.85
N GLY C 294 -51.54 -31.89 -2.81
CA GLY C 294 -50.60 -32.70 -3.53
C GLY C 294 -49.67 -33.31 -2.56
N TYR C 295 -49.42 -32.64 -1.45
CA TYR C 295 -48.50 -33.14 -0.43
C TYR C 295 -48.97 -34.43 0.24
N ILE C 296 -50.18 -34.41 0.79
CA ILE C 296 -50.73 -35.56 1.47
C ILE C 296 -50.97 -36.73 0.56
N ALA C 297 -51.57 -36.43 -0.55
CA ALA C 297 -51.69 -37.45 -1.59
C ALA C 297 -50.35 -38.16 -1.81
N TRP C 298 -49.27 -37.38 -1.90
CA TRP C 298 -47.95 -37.99 -2.07
C TRP C 298 -47.54 -38.76 -0.82
N ARG C 299 -47.85 -38.22 0.35
CA ARG C 299 -47.30 -38.74 1.60
C ARG C 299 -47.93 -40.05 2.05
N GLU C 300 -49.03 -40.46 1.42
CA GLU C 300 -49.71 -41.67 1.86
C GLU C 300 -49.55 -42.84 0.90
N SER C 301 -49.15 -42.60 -0.35
CA SER C 301 -48.78 -43.67 -1.26
C SER C 301 -47.27 -43.79 -1.42
N ALA C 302 -46.53 -43.45 -0.38
CA ALA C 302 -45.10 -43.45 -0.51
C ALA C 302 -44.30 -44.42 0.32
N ASP C 303 -43.14 -44.71 -0.21
CA ASP C 303 -42.13 -45.56 0.36
C ASP C 303 -41.52 -45.06 1.67
N SER C 304 -40.84 -45.94 2.38
CA SER C 304 -40.16 -45.54 3.59
C SER C 304 -38.66 -45.54 3.32
N SER C 305 -38.30 -45.37 2.06
CA SER C 305 -36.93 -45.39 1.67
C SER C 305 -36.20 -44.16 2.05
N SER C 306 -34.90 -44.28 2.09
CA SER C 306 -34.11 -43.10 2.46
C SER C 306 -34.43 -41.96 1.50
N GLU C 307 -34.55 -42.27 0.21
CA GLU C 307 -34.86 -41.28 -0.81
C GLU C 307 -36.30 -40.78 -0.68
N SER C 308 -37.22 -41.62 -0.19
CA SER C 308 -38.55 -41.09 0.08
C SER C 308 -38.50 -40.05 1.19
N HIS C 309 -37.80 -40.34 2.28
CA HIS C 309 -37.73 -39.39 3.40
C HIS C 309 -37.17 -38.03 2.97
N GLU C 310 -36.21 -38.04 2.04
CA GLU C 310 -35.64 -36.81 1.54
C GLU C 310 -36.62 -35.99 0.68
N LEU C 311 -37.45 -36.68 -0.09
CA LEU C 311 -38.41 -36.04 -0.95
C LEU C 311 -39.50 -35.35 -0.14
N ASN C 312 -39.82 -35.90 1.03
CA ASN C 312 -40.82 -35.28 1.89
C ASN C 312 -40.20 -34.01 2.46
N ARG C 313 -38.92 -34.10 2.79
CA ARG C 313 -38.16 -33.03 3.31
C ARG C 313 -38.12 -31.93 2.30
N TYR C 314 -38.13 -32.26 1.01
CA TYR C 314 -38.08 -31.24 -0.03
C TYR C 314 -39.43 -30.56 -0.25
N ILE C 315 -40.55 -31.29 -0.10
CA ILE C 315 -41.85 -30.65 -0.29
C ILE C 315 -42.25 -29.85 0.94
N VAL C 316 -41.97 -30.39 2.12
CA VAL C 316 -42.15 -29.62 3.34
C VAL C 316 -41.35 -28.32 3.30
N MET C 317 -40.18 -28.37 2.67
CA MET C 317 -39.36 -27.16 2.56
C MET C 317 -40.04 -26.14 1.66
N ILE C 318 -40.67 -26.61 0.60
CA ILE C 318 -41.33 -25.73 -0.35
C ILE C 318 -42.59 -25.14 0.28
N ILE C 319 -43.48 -25.99 0.76
CA ILE C 319 -44.69 -25.50 1.43
C ILE C 319 -44.31 -24.48 2.48
N LEU C 320 -43.42 -24.85 3.41
CA LEU C 320 -43.06 -23.93 4.48
C LEU C 320 -42.57 -22.61 3.93
N MET C 321 -41.85 -22.64 2.82
CA MET C 321 -41.31 -21.43 2.22
C MET C 321 -42.42 -20.52 1.69
N ILE C 322 -43.42 -21.07 0.99
CA ILE C 322 -44.53 -20.23 0.56
C ILE C 322 -45.22 -19.60 1.76
N GLY C 323 -45.49 -20.42 2.79
CA GLY C 323 -46.09 -19.88 3.99
C GLY C 323 -45.29 -18.74 4.58
N GLY C 324 -43.98 -18.96 4.78
CA GLY C 324 -43.17 -17.94 5.41
C GLY C 324 -43.05 -16.68 4.59
N ILE C 325 -42.92 -16.81 3.26
CA ILE C 325 -42.81 -15.61 2.43
C ILE C 325 -44.16 -14.90 2.32
N THR C 326 -45.26 -15.66 2.31
CA THR C 326 -46.59 -15.05 2.39
C THR C 326 -46.68 -14.16 3.61
N PHE C 327 -46.35 -14.70 4.79
CA PHE C 327 -46.38 -13.87 5.99
C PHE C 327 -45.36 -12.75 5.92
N TRP C 328 -44.17 -13.03 5.41
CA TRP C 328 -43.19 -11.97 5.27
C TRP C 328 -43.74 -10.85 4.38
N SER C 329 -44.26 -11.21 3.20
CA SER C 329 -44.71 -10.23 2.23
C SER C 329 -45.82 -9.35 2.76
N SER C 330 -46.52 -9.79 3.79
CA SER C 330 -47.72 -9.10 4.26
C SER C 330 -47.40 -7.78 4.95
N HIS C 331 -46.16 -7.59 5.40
CA HIS C 331 -45.84 -6.40 6.16
C HIS C 331 -44.45 -5.86 5.84
N ALA C 332 -43.77 -6.38 4.85
CA ALA C 332 -42.38 -5.99 4.63
C ALA C 332 -42.29 -4.59 4.04
N SER C 333 -41.44 -3.75 4.66
CA SER C 333 -41.03 -2.44 4.15
C SER C 333 -40.95 -2.39 2.64
N ARG C 334 -40.31 -3.40 2.04
CA ARG C 334 -40.14 -3.44 0.59
C ARG C 334 -41.46 -3.24 -0.16
N TYR C 335 -42.58 -3.68 0.41
CA TYR C 335 -43.84 -3.49 -0.31
C TYR C 335 -44.78 -2.48 0.32
N HIS C 336 -44.65 -2.23 1.63
CA HIS C 336 -45.59 -1.42 2.38
C HIS C 336 -44.93 -0.13 2.87
N ARG C 337 -44.03 0.42 2.07
CA ARG C 337 -43.39 1.68 2.39
C ARG C 337 -44.38 2.84 2.22
N ASP C 338 -44.34 3.78 3.17
CA ASP C 338 -45.20 4.97 3.14
C ASP C 338 -44.47 6.18 2.57
N ASP C 339 -43.65 5.95 1.54
CA ASP C 339 -43.06 7.03 0.74
C ASP C 339 -43.50 6.93 -0.72
N LEU C 340 -44.56 6.17 -0.99
CA LEU C 340 -45.07 5.98 -2.34
C LEU C 340 -45.79 7.23 -2.86
N THR C 342 -48.07 8.05 -5.80
CA THR C 342 -49.13 7.29 -6.41
C THR C 342 -50.10 6.72 -5.37
N THR C 343 -51.36 6.63 -5.75
CA THR C 343 -52.46 6.15 -4.91
C THR C 343 -53.36 5.15 -5.66
N ALA C 344 -54.52 4.83 -5.11
CA ALA C 344 -55.43 3.86 -5.74
C ALA C 344 -56.17 4.46 -6.89
N GLY C 345 -56.53 5.72 -6.72
CA GLY C 345 -57.19 6.48 -7.76
C GLY C 345 -56.15 6.80 -8.79
N ASP C 346 -54.95 7.08 -8.32
CA ASP C 346 -53.86 7.37 -9.23
C ASP C 346 -53.54 6.21 -10.16
N ARG C 347 -53.59 4.98 -9.65
CA ARG C 347 -53.26 3.80 -10.46
C ARG C 347 -54.42 3.25 -11.29
N ALA C 348 -55.61 3.78 -11.06
CA ALA C 348 -56.80 3.35 -11.77
C ALA C 348 -56.82 4.31 -12.94
N MET C 349 -55.88 4.21 -13.87
CA MET C 349 -55.79 5.17 -14.94
C MET C 349 -54.98 4.61 -16.12
MG MG D . 2.52 18.69 0.54
MG MG E . 0.28 21.05 -2.17
MG MG F . 0.56 15.20 -1.97
O11 PPV G . 2.91 15.28 -1.41
P1 PPV G . 3.56 16.58 -1.86
O21 PPV G . 4.87 16.29 -2.55
O31 PPV G . 3.76 17.54 -0.70
OPP PPV G . 2.55 17.21 -2.99
P2 PPV G . 1.23 18.11 -2.62
O12 PPV G . 0.22 17.17 -2.04
O22 PPV G . 1.50 19.22 -1.62
O32 PPV G . 0.77 18.72 -3.94
N BTM H . 4.87 20.32 -5.37
C1 BTM H . 5.71 21.41 -5.91
C2 BTM H . 5.66 19.46 -4.47
C3 BTM H . 6.09 20.21 -3.21
C4 BTM H . 3.84 20.94 -4.53
C5 BTM H . 2.46 21.12 -5.18
C6 BTM H . 4.27 19.48 -6.41
C7 BTM H . 5.26 18.41 -6.91
C8 BTM H . 6.33 21.17 -7.28
C9 BTM H . 7.59 20.60 -7.39
C10 BTM H . 8.16 20.37 -8.65
C11 BTM H . 7.49 20.73 -9.81
C12 BTM H . 6.23 21.31 -9.70
C13 BTM H . 5.65 21.53 -8.45
H1 BTM H . 6.53 21.56 -5.21
H1A BTM H . 5.11 22.29 -5.96
H2 BTM H . 5.06 18.61 -4.18
H2A BTM H . 6.54 19.12 -5.00
H3 BTM H . 5.36 20.06 -2.43
H3A BTM H . 6.18 21.27 -3.43
H3B BTM H . 7.05 19.83 -2.88
H4 BTM H . 4.20 21.92 -4.24
H4A BTM H . 3.72 20.32 -3.64
H5 BTM H . 1.97 20.15 -5.26
H5A BTM H . 1.85 21.77 -4.56
H5B BTM H . 2.58 21.55 -6.16
H6 BTM H . 3.41 18.98 -5.99
H6A BTM H . 3.97 20.10 -7.24
H7 BTM H . 5.30 18.44 -8.00
H7A BTM H . 6.25 18.63 -6.51
H7B BTM H . 4.94 17.43 -6.58
H9 BTM H . 8.14 20.32 -6.50
H10 BTM H . 9.14 19.92 -8.71
H11 BTM H . 7.94 20.58 -10.78
H12 BTM H . 5.69 21.58 -10.60
H13 BTM H . 4.68 21.99 -8.38
MG MG I . 38.09 -12.29 10.28
MG MG J . 41.66 -8.93 9.42
MG MG K . 42.48 -8.13 13.13
O11 PPV L . 37.94 -10.09 9.21
P1 PPV L . 38.39 -8.65 9.05
O21 PPV L . 37.28 -7.76 8.52
O31 PPV L . 39.62 -8.49 8.21
OPP PPV L . 38.79 -8.08 10.51
P2 PPV L . 39.38 -9.05 11.65
O12 PPV L . 38.49 -8.83 12.86
O22 PPV L . 40.82 -8.61 11.87
O32 PPV L . 39.26 -10.48 11.21
N BTM M . 37.56 -2.92 12.72
C1 BTM M . 37.41 -1.47 12.49
C2 BTM M . 38.16 -3.35 11.46
C3 BTM M . 38.21 -4.87 11.26
C4 BTM M . 38.49 -3.05 13.84
C5 BTM M . 39.41 -4.28 13.78
C6 BTM M . 36.20 -3.44 13.03
C7 BTM M . 36.10 -4.86 13.60
C8 BTM M . 35.99 -0.95 12.85
C9 BTM M . 35.71 -0.55 14.16
C10 BTM M . 34.41 -0.16 14.47
C11 BTM M . 33.43 -0.16 13.50
C12 BTM M . 33.71 -0.58 12.23
C13 BTM M . 34.98 -1.00 11.89
H1 BTM M . 37.59 -1.26 11.44
H1A BTM M . 38.13 -0.94 13.10
H2 BTM M . 39.17 -2.97 11.41
H2A BTM M . 37.57 -2.93 10.65
H3 BTM M . 37.51 -5.35 11.93
H3A BTM M . 39.22 -5.22 11.48
H3B BTM M . 37.96 -5.11 10.23
H4 BTM M . 39.13 -2.17 13.88
H4A BTM M . 37.92 -3.11 14.76
H5 BTM M . 38.83 -5.13 13.41
H5A BTM M . 40.23 -4.07 13.10
H5B BTM M . 39.79 -4.49 14.77
H6 BTM M . 35.75 -2.76 13.76
H6A BTM M . 35.62 -3.41 12.12
H7 BTM M . 36.02 -5.56 12.77
H7A BTM M . 37.00 -5.08 14.16
H7B BTM M . 35.24 -4.93 14.24
H9 BTM M . 36.47 -0.54 14.92
H10 BTM M . 34.18 0.16 15.49
H11 BTM M . 32.42 0.17 13.76
H12 BTM M . 32.93 -0.60 11.48
H13 BTM M . 35.20 -1.35 10.89
MG MG N . -38.97 -8.36 -11.26
MG MG O . -39.33 -6.08 -8.73
MG MG P . -43.78 -8.01 -7.44
O11 PPV Q . -42.10 -7.36 -5.94
P1 PPV Q . -40.67 -7.85 -6.01
O21 PPV Q . -39.85 -6.93 -6.89
O31 PPV Q . -40.02 -7.92 -4.64
OPP PPV Q . -40.72 -9.34 -6.70
P2 PPV Q . -40.73 -9.35 -8.34
O12 PPV Q . -42.08 -8.81 -8.78
O22 PPV Q . -39.64 -8.43 -8.87
O32 PPV Q . -40.55 -10.77 -8.83
N BTM R . -35.76 -12.54 -6.19
C1 BTM R . -34.59 -12.86 -5.31
C2 BTM R . -35.45 -12.72 -7.60
C3 BTM R . -34.20 -11.94 -8.08
C4 BTM R . -36.90 -13.44 -5.92
C5 BTM R . -37.71 -13.18 -4.64
C6 BTM R . -36.11 -11.12 -6.02
C7 BTM R . -37.54 -10.79 -6.46
C8 BTM R . -34.80 -14.09 -4.41
C9 BTM R . -34.63 -15.38 -4.92
C10 BTM R . -34.85 -16.47 -4.11
C11 BTM R . -35.25 -16.29 -2.79
C12 BTM R . -35.42 -15.01 -2.28
C13 BTM R . -35.20 -13.91 -3.09
H1 BTM R . -34.40 -12.01 -4.68
H1A BTM R . -33.74 -13.04 -5.95
H2 BTM R . -36.30 -12.40 -8.19
H2A BTM R . -35.28 -13.78 -7.77
H3 BTM R . -33.52 -12.63 -8.57
H3A BTM R . -33.71 -11.48 -7.23
H3B BTM R . -34.50 -11.18 -8.78
H4 BTM R . -36.51 -14.46 -5.87
H4A BTM R . -37.58 -13.37 -6.77
H5 BTM R . -37.29 -12.31 -4.12
H5A BTM R . -37.65 -14.05 -3.99
H5B BTM R . -38.74 -12.97 -4.90
H6 BTM R . -36.00 -10.85 -4.98
H6A BTM R . -35.42 -10.53 -6.62
H7 BTM R . -38.21 -10.95 -5.63
H7A BTM R . -37.58 -9.75 -6.77
H7B BTM R . -37.81 -11.43 -7.29
H9 BTM R . -34.30 -15.53 -5.95
H10 BTM R . -34.72 -17.48 -4.50
H11 BTM R . -35.43 -17.15 -2.16
H12 BTM R . -35.75 -14.88 -1.25
H13 BTM R . -35.35 -12.91 -2.69
#